data_4J0I
#
_entry.id   4J0I
#
_cell.length_a   46.578
_cell.length_b   62.852
_cell.length_c   83.853
_cell.angle_alpha   70.35
_cell.angle_beta   86.05
_cell.angle_gamma   79.48
#
_symmetry.space_group_name_H-M   'P 1'
#
loop_
_entity.id
_entity.type
_entity.pdbx_description
1 polymer Tannase
2 non-polymer '3,4-DIHYDROXYBENZOIC ACID'
3 non-polymer DI(HYDROXYETHYL)ETHER
4 non-polymer 'TETRAETHYLENE GLYCOL'
5 water water
#
_entity_poly.entity_id   1
_entity_poly.type   'polypeptide(L)'
_entity_poly.pdbx_seq_one_letter_code
;MHHHHHHSSGVDLGTENLYFQSMSNRLIFDADWLVPEQVQVAGQAIQYYAARNIQYVQHPVAAIQVLNVFVPAAYLHGSS
VNGYQRATAPILMPNTVGGYLPGPADDPQRVTWPTNAGTIQQALKRGYVVVAAGIRGRTTVDKSGQRVGQAPAFIVDMKA
AIRYVKYNQGRLPGDANRIITNGTSAGGATSALAGASGNSAYFEPALTALGAAPATDDIFAVSAYCPIHNLEHADMAYEW
QFNGINDWHRYQPVAGTTKNGRPKFEPVSGQLTVEEQALSLALKAQFSTYLNQLKLTASDGTHLTLNEAGMGSFRDVVRQ
LLISSAQTAFDQGTDIHKYAGFVVTGNQVTDLDLSAYLKSLTRMKAVPAFDQLDLTSPENNLFGDATAKAKHFTALAQTR
STVTAQLADAELIQAINPLSYLTTTSSQVAKHWRIRHGAADRDTSFAIPIILAIMLENHGYGIDFALPWDIPHSGDYDLG
DLFSWIDGLCQ
;
_entity_poly.pdbx_strand_id   A,B
#
# COMPACT_ATOMS: atom_id res chain seq x y z
N SER A 22 -19.61 -25.94 -41.57
CA SER A 22 -18.68 -25.80 -42.70
C SER A 22 -18.94 -24.49 -43.43
N MET A 23 -18.18 -24.21 -44.48
CA MET A 23 -18.41 -23.00 -45.26
C MET A 23 -19.72 -23.03 -46.06
N SER A 24 -20.33 -24.20 -46.15
CA SER A 24 -21.67 -24.25 -46.71
C SER A 24 -22.69 -23.49 -45.86
N ASN A 25 -22.39 -23.30 -44.58
CA ASN A 25 -23.24 -22.50 -43.71
C ASN A 25 -22.98 -21.02 -43.97
N ARG A 26 -23.91 -20.36 -44.67
CA ARG A 26 -23.71 -18.97 -45.10
C ARG A 26 -23.96 -17.93 -44.00
N LEU A 27 -24.45 -18.39 -42.85
CA LEU A 27 -24.80 -17.50 -41.73
C LEU A 27 -25.81 -16.43 -42.13
N ILE A 28 -26.73 -16.80 -43.02
CA ILE A 28 -27.80 -15.90 -43.42
C ILE A 28 -29.10 -16.29 -42.72
N PHE A 29 -29.61 -15.39 -41.89
CA PHE A 29 -30.89 -15.60 -41.24
C PHE A 29 -32.02 -15.47 -42.25
N ASP A 30 -33.07 -16.28 -42.11
CA ASP A 30 -34.26 -16.19 -42.95
C ASP A 30 -35.49 -16.10 -42.06
N ALA A 31 -36.22 -14.98 -42.15
CA ALA A 31 -37.39 -14.80 -41.30
C ALA A 31 -38.43 -15.90 -41.55
N ASP A 32 -38.30 -16.58 -42.69
CA ASP A 32 -39.23 -17.66 -43.03
C ASP A 32 -39.07 -18.85 -42.09
N TRP A 33 -37.95 -18.89 -41.38
CA TRP A 33 -37.73 -19.89 -40.33
C TRP A 33 -38.63 -19.70 -39.12
N LEU A 34 -39.17 -18.49 -38.95
CA LEU A 34 -39.90 -18.18 -37.73
C LEU A 34 -41.27 -18.82 -37.67
N VAL A 35 -41.54 -19.54 -36.59
CA VAL A 35 -42.83 -20.21 -36.45
C VAL A 35 -43.58 -19.79 -35.19
N PRO A 36 -44.91 -19.77 -35.27
CA PRO A 36 -45.72 -19.11 -34.23
C PRO A 36 -45.90 -19.95 -32.97
N GLU A 37 -45.71 -19.29 -31.84
CA GLU A 37 -45.88 -19.91 -30.53
C GLU A 37 -46.57 -18.93 -29.60
N GLN A 38 -46.94 -19.42 -28.42
CA GLN A 38 -47.43 -18.52 -27.39
C GLN A 38 -46.99 -19.03 -26.04
N VAL A 39 -46.97 -18.12 -25.06
CA VAL A 39 -46.65 -18.44 -23.70
C VAL A 39 -47.51 -17.50 -22.83
N GLN A 40 -47.88 -17.93 -21.64
CA GLN A 40 -48.67 -17.10 -20.74
C GLN A 40 -47.81 -16.14 -19.92
N VAL A 41 -48.23 -14.88 -19.86
CA VAL A 41 -47.54 -13.85 -19.08
C VAL A 41 -48.52 -12.86 -18.46
N ALA A 42 -48.49 -12.78 -17.12
CA ALA A 42 -49.36 -11.85 -16.39
C ALA A 42 -50.83 -12.15 -16.65
N GLY A 43 -51.17 -13.44 -16.76
CA GLY A 43 -52.53 -13.85 -17.01
C GLY A 43 -53.00 -13.50 -18.41
N GLN A 44 -52.04 -13.33 -19.31
CA GLN A 44 -52.34 -13.06 -20.72
C GLN A 44 -51.51 -14.00 -21.60
N ALA A 45 -52.05 -14.39 -22.74
CA ALA A 45 -51.29 -15.15 -23.71
C ALA A 45 -50.44 -14.21 -24.57
N ILE A 46 -49.14 -14.46 -24.59
CA ILE A 46 -48.20 -13.60 -25.30
C ILE A 46 -47.78 -14.31 -26.59
N GLN A 47 -48.12 -13.71 -27.73
CA GLN A 47 -47.82 -14.31 -29.02
C GLN A 47 -46.41 -13.97 -29.51
N TYR A 48 -45.68 -14.98 -29.97
CA TYR A 48 -44.37 -14.72 -30.53
C TYR A 48 -44.04 -15.76 -31.61
N TYR A 49 -42.90 -15.58 -32.27
CA TYR A 49 -42.40 -16.54 -33.22
C TYR A 49 -41.03 -17.01 -32.76
N ALA A 50 -40.66 -18.24 -33.13
CA ALA A 50 -39.37 -18.77 -32.75
C ALA A 50 -38.61 -19.34 -33.93
N ALA A 51 -37.28 -19.19 -33.88
CA ALA A 51 -36.41 -19.94 -34.78
C ALA A 51 -35.24 -20.45 -33.93
N ARG A 52 -35.14 -21.77 -33.82
CA ARG A 52 -34.23 -22.40 -32.88
C ARG A 52 -33.03 -23.09 -33.54
N ASN A 53 -32.00 -23.30 -32.74
CA ASN A 53 -30.87 -24.16 -33.13
C ASN A 53 -30.12 -23.66 -34.35
N ILE A 54 -29.95 -22.34 -34.42
CA ILE A 54 -29.25 -21.73 -35.53
C ILE A 54 -27.75 -21.82 -35.30
N GLN A 55 -27.04 -22.44 -36.25
CA GLN A 55 -25.59 -22.54 -36.13
C GLN A 55 -24.97 -21.20 -36.47
N TYR A 56 -24.45 -20.50 -35.47
CA TYR A 56 -24.07 -19.11 -35.65
C TYR A 56 -22.60 -18.89 -36.05
N VAL A 57 -21.83 -19.97 -36.14
CA VAL A 57 -20.53 -19.90 -36.83
C VAL A 57 -20.37 -21.05 -37.82
N GLN A 58 -19.39 -20.95 -38.70
CA GLN A 58 -19.20 -21.96 -39.74
C GLN A 58 -18.46 -23.17 -39.24
N HIS A 59 -17.65 -22.97 -38.20
CA HIS A 59 -16.80 -24.03 -37.71
C HIS A 59 -16.94 -24.20 -36.20
N PRO A 60 -18.15 -24.55 -35.74
CA PRO A 60 -18.33 -24.80 -34.30
C PRO A 60 -17.47 -25.96 -33.81
N VAL A 61 -17.03 -25.90 -32.56
CA VAL A 61 -16.30 -27.01 -31.95
C VAL A 61 -17.12 -27.76 -30.90
N ALA A 62 -18.29 -27.21 -30.57
CA ALA A 62 -19.16 -27.83 -29.58
C ALA A 62 -20.62 -27.66 -29.99
N ALA A 63 -21.42 -28.66 -29.64
CA ALA A 63 -22.84 -28.66 -29.99
C ALA A 63 -23.61 -27.48 -29.38
N ILE A 64 -23.11 -26.97 -28.25
CA ILE A 64 -23.80 -25.90 -27.54
C ILE A 64 -23.78 -24.59 -28.32
N GLN A 65 -22.90 -24.48 -29.32
CA GLN A 65 -22.77 -23.23 -30.07
C GLN A 65 -23.88 -23.04 -31.10
N VAL A 66 -25.12 -22.97 -30.62
CA VAL A 66 -26.24 -22.55 -31.44
C VAL A 66 -26.95 -21.40 -30.74
N LEU A 67 -27.78 -20.70 -31.49
CA LEU A 67 -28.62 -19.65 -30.88
C LEU A 67 -30.08 -19.79 -31.25
N ASN A 68 -30.93 -19.24 -30.38
CA ASN A 68 -32.38 -19.20 -30.63
C ASN A 68 -32.81 -17.76 -30.84
N VAL A 69 -33.77 -17.56 -31.74
CA VAL A 69 -34.33 -16.23 -31.99
C VAL A 69 -35.84 -16.20 -31.67
N PHE A 70 -36.26 -15.23 -30.87
CA PHE A 70 -37.67 -15.09 -30.51
C PHE A 70 -38.15 -13.67 -30.78
N VAL A 71 -39.30 -13.56 -31.44
CA VAL A 71 -39.76 -12.28 -31.95
C VAL A 71 -41.23 -12.07 -31.60
N PRO A 72 -41.57 -10.90 -31.04
CA PRO A 72 -42.98 -10.59 -30.77
C PRO A 72 -43.81 -10.76 -32.03
N ALA A 73 -44.98 -11.37 -31.91
CA ALA A 73 -45.75 -11.71 -33.11
C ALA A 73 -46.06 -10.51 -34.01
N ALA A 74 -46.21 -9.33 -33.39
CA ALA A 74 -46.58 -8.11 -34.12
C ALA A 74 -45.62 -7.79 -35.27
N TYR A 75 -44.36 -8.11 -35.10
CA TYR A 75 -43.32 -7.70 -36.04
C TYR A 75 -43.31 -8.53 -37.32
N LEU A 76 -44.11 -9.58 -37.33
CA LEU A 76 -44.27 -10.37 -38.56
CA LEU A 76 -44.28 -10.39 -38.55
C LEU A 76 -45.59 -10.07 -39.23
N HIS A 77 -46.32 -9.10 -38.68
CA HIS A 77 -47.59 -8.67 -39.21
C HIS A 77 -47.65 -7.15 -39.37
N GLY A 78 -46.48 -6.53 -39.44
CA GLY A 78 -46.38 -5.11 -39.71
C GLY A 78 -46.95 -4.19 -38.63
N SER A 79 -46.89 -4.63 -37.37
CA SER A 79 -47.45 -3.83 -36.28
C SER A 79 -46.44 -3.53 -35.18
N SER A 80 -46.90 -2.92 -34.10
CA SER A 80 -46.02 -2.39 -33.06
C SER A 80 -46.30 -2.96 -31.67
N VAL A 81 -45.29 -2.93 -30.81
CA VAL A 81 -45.44 -3.30 -29.41
C VAL A 81 -44.68 -2.27 -28.58
N ASN A 82 -45.36 -1.66 -27.61
CA ASN A 82 -44.67 -0.79 -26.67
C ASN A 82 -43.77 0.23 -27.40
N GLY A 83 -44.30 0.81 -28.47
CA GLY A 83 -43.59 1.84 -29.20
C GLY A 83 -42.49 1.33 -30.14
N TYR A 84 -42.40 0.01 -30.30
CA TYR A 84 -41.39 -0.58 -31.17
C TYR A 84 -41.99 -1.24 -32.39
N GLN A 85 -41.17 -1.35 -33.45
CA GLN A 85 -41.56 -2.02 -34.68
C GLN A 85 -40.50 -3.04 -35.08
N ARG A 86 -40.80 -3.82 -36.12
CA ARG A 86 -39.87 -4.86 -36.55
C ARG A 86 -38.46 -4.32 -36.75
N ALA A 87 -38.36 -3.13 -37.35
CA ALA A 87 -37.07 -2.59 -37.69
C ALA A 87 -36.37 -1.91 -36.52
N THR A 88 -37.12 -1.54 -35.48
CA THR A 88 -36.58 -0.69 -34.43
C THR A 88 -36.48 -1.28 -33.03
N ALA A 89 -37.03 -2.49 -32.83
CA ALA A 89 -37.08 -3.06 -31.49
C ALA A 89 -35.68 -3.32 -30.92
N PRO A 90 -35.52 -3.15 -29.59
CA PRO A 90 -34.27 -3.57 -28.97
C PRO A 90 -34.07 -5.08 -29.13
N ILE A 91 -32.83 -5.50 -29.23
CA ILE A 91 -32.50 -6.92 -29.22
C ILE A 91 -31.83 -7.26 -27.90
N LEU A 92 -32.58 -7.90 -27.01
CA LEU A 92 -32.03 -8.38 -25.74
C LEU A 92 -31.26 -9.66 -26.04
N MET A 93 -30.01 -9.72 -25.59
CA MET A 93 -29.19 -10.92 -25.74
C MET A 93 -28.77 -11.46 -24.37
N PRO A 94 -29.65 -12.25 -23.74
CA PRO A 94 -29.37 -12.81 -22.41
C PRO A 94 -28.53 -14.06 -22.53
N ASN A 95 -27.75 -14.38 -21.51
CA ASN A 95 -27.04 -15.65 -21.52
C ASN A 95 -27.34 -16.43 -20.25
N THR A 96 -27.07 -17.73 -20.28
CA THR A 96 -27.36 -18.58 -19.15
C THR A 96 -26.09 -19.04 -18.45
N VAL A 97 -25.00 -18.29 -18.65
CA VAL A 97 -23.74 -18.69 -18.05
C VAL A 97 -23.76 -18.43 -16.55
N GLY A 98 -23.40 -19.46 -15.78
CA GLY A 98 -23.17 -19.31 -14.35
C GLY A 98 -21.96 -20.13 -13.96
N GLY A 99 -21.17 -19.64 -13.00
CA GLY A 99 -20.02 -20.38 -12.53
C GLY A 99 -19.04 -20.65 -13.65
N TYR A 100 -19.12 -19.83 -14.71
CA TYR A 100 -18.25 -19.99 -15.88
C TYR A 100 -18.43 -21.37 -16.52
N LEU A 101 -19.59 -21.96 -16.27
CA LEU A 101 -20.01 -23.19 -16.90
C LEU A 101 -20.64 -22.92 -18.26
N PRO A 102 -20.84 -23.96 -19.07
CA PRO A 102 -21.52 -23.72 -20.34
C PRO A 102 -22.94 -23.19 -20.11
N GLY A 103 -23.42 -22.34 -21.02
CA GLY A 103 -24.75 -21.76 -20.88
C GLY A 103 -25.55 -22.05 -22.14
N PRO A 104 -26.45 -23.04 -22.07
CA PRO A 104 -27.24 -23.42 -23.27
C PRO A 104 -28.09 -22.27 -23.78
N ALA A 105 -28.41 -22.32 -25.07
CA ALA A 105 -29.30 -21.35 -25.67
C ALA A 105 -30.64 -21.40 -24.92
N ASP A 106 -31.09 -20.25 -24.47
CA ASP A 106 -32.29 -20.18 -23.63
C ASP A 106 -33.56 -20.11 -24.49
N ASP A 107 -34.73 -20.19 -23.84
CA ASP A 107 -35.97 -20.45 -24.56
C ASP A 107 -37.09 -20.06 -23.62
N PRO A 108 -38.08 -19.31 -24.11
CA PRO A 108 -39.20 -19.01 -23.20
C PRO A 108 -39.95 -20.26 -22.75
N GLN A 109 -39.74 -21.39 -23.42
CA GLN A 109 -40.46 -22.62 -23.05
C GLN A 109 -39.61 -23.56 -22.19
N ARG A 110 -38.38 -23.13 -21.88
CA ARG A 110 -37.42 -23.98 -21.19
C ARG A 110 -37.72 -24.06 -19.70
N VAL A 111 -37.66 -25.26 -19.13
CA VAL A 111 -37.90 -25.42 -17.70
C VAL A 111 -36.68 -26.04 -16.99
N THR A 112 -35.70 -26.44 -17.78
CA THR A 112 -34.49 -27.10 -17.28
C THR A 112 -33.42 -26.06 -16.92
N TRP A 113 -32.78 -26.26 -15.77
CA TRP A 113 -31.70 -25.38 -15.32
C TRP A 113 -30.46 -25.57 -16.19
N PRO A 114 -29.78 -24.47 -16.53
CA PRO A 114 -30.13 -23.10 -16.16
C PRO A 114 -31.00 -22.45 -17.22
N THR A 115 -31.90 -21.57 -16.78
CA THR A 115 -32.77 -20.87 -17.72
C THR A 115 -33.26 -19.58 -17.10
N ASN A 116 -33.40 -18.56 -17.94
CA ASN A 116 -34.10 -17.33 -17.59
C ASN A 116 -35.35 -17.19 -18.45
N ALA A 117 -36.05 -18.31 -18.63
CA ALA A 117 -37.23 -18.35 -19.50
C ALA A 117 -38.23 -17.23 -19.14
N GLY A 118 -38.48 -17.04 -17.85
CA GLY A 118 -39.41 -16.01 -17.41
C GLY A 118 -39.03 -14.62 -17.90
N THR A 119 -37.74 -14.32 -17.92
CA THR A 119 -37.27 -13.03 -18.44
C THR A 119 -37.52 -12.91 -19.94
N ILE A 120 -37.32 -14.00 -20.65
CA ILE A 120 -37.57 -13.99 -22.09
C ILE A 120 -39.04 -13.74 -22.37
N GLN A 121 -39.89 -14.40 -21.60
CA GLN A 121 -41.34 -14.21 -21.74
C GLN A 121 -41.70 -12.75 -21.54
N GLN A 122 -41.14 -12.14 -20.49
CA GLN A 122 -41.47 -10.74 -20.17
C GLN A 122 -40.89 -9.79 -21.22
N ALA A 123 -39.72 -10.13 -21.77
CA ALA A 123 -39.06 -9.29 -22.76
C ALA A 123 -39.90 -9.26 -24.03
N LEU A 124 -40.40 -10.42 -24.40
CA LEU A 124 -41.25 -10.51 -25.59
C LEU A 124 -42.50 -9.65 -25.41
N LYS A 125 -43.12 -9.76 -24.24
CA LYS A 125 -44.29 -8.93 -23.94
C LYS A 125 -43.96 -7.45 -24.03
N ARG A 126 -42.75 -7.09 -23.62
CA ARG A 126 -42.27 -5.72 -23.63
C ARG A 126 -41.93 -5.21 -25.03
N GLY A 127 -41.89 -6.12 -26.00
CA GLY A 127 -41.64 -5.72 -27.38
C GLY A 127 -40.21 -5.94 -27.85
N TYR A 128 -39.42 -6.64 -27.04
CA TYR A 128 -38.03 -6.88 -27.41
C TYR A 128 -37.87 -8.15 -28.24
N VAL A 129 -37.01 -8.09 -29.24
CA VAL A 129 -36.57 -9.30 -29.91
C VAL A 129 -35.55 -9.92 -28.97
N VAL A 130 -35.55 -11.24 -28.85
CA VAL A 130 -34.58 -11.90 -27.99
C VAL A 130 -33.72 -12.88 -28.77
N VAL A 131 -32.41 -12.70 -28.70
CA VAL A 131 -31.49 -13.66 -29.31
C VAL A 131 -30.69 -14.30 -28.19
N ALA A 132 -30.96 -15.59 -27.98
CA ALA A 132 -30.44 -16.33 -26.85
C ALA A 132 -29.41 -17.33 -27.33
N ALA A 133 -28.15 -16.98 -27.16
CA ALA A 133 -27.05 -17.78 -27.70
C ALA A 133 -26.53 -18.79 -26.69
N GLY A 134 -26.22 -19.99 -27.19
CA GLY A 134 -25.51 -21.01 -26.42
C GLY A 134 -24.04 -20.65 -26.35
N ILE A 135 -23.44 -20.84 -25.18
N ILE A 135 -23.44 -20.84 -25.18
CA ILE A 135 -22.08 -20.37 -24.87
CA ILE A 135 -22.08 -20.38 -24.89
C ILE A 135 -21.27 -21.49 -24.24
C ILE A 135 -21.26 -21.49 -24.23
N ARG A 136 -20.10 -21.80 -24.81
CA ARG A 136 -19.24 -22.82 -24.24
C ARG A 136 -18.80 -22.36 -22.85
N GLY A 137 -18.49 -23.32 -21.98
CA GLY A 137 -17.92 -23.01 -20.67
C GLY A 137 -16.83 -24.00 -20.29
N ARG A 138 -16.35 -23.89 -19.05
CA ARG A 138 -15.12 -24.57 -18.67
C ARG A 138 -15.15 -26.10 -18.74
N THR A 139 -16.34 -26.69 -18.79
CA THR A 139 -16.48 -28.14 -18.82
C THR A 139 -16.79 -28.67 -20.23
N THR A 140 -16.85 -27.78 -21.22
CA THR A 140 -17.22 -28.19 -22.57
C THR A 140 -16.08 -28.98 -23.23
N VAL A 141 -16.40 -30.10 -23.86
CA VAL A 141 -15.38 -30.87 -24.56
C VAL A 141 -15.81 -31.07 -26.01
N ASP A 142 -14.85 -31.24 -26.91
CA ASP A 142 -15.18 -31.51 -28.32
C ASP A 142 -15.36 -33.01 -28.51
N LYS A 143 -15.51 -33.41 -29.77
CA LYS A 143 -15.79 -34.82 -30.06
C LYS A 143 -14.63 -35.74 -29.73
N SER A 144 -13.42 -35.19 -29.58
CA SER A 144 -12.28 -36.02 -29.20
C SER A 144 -12.12 -36.07 -27.68
N GLY A 145 -12.98 -35.35 -26.96
CA GLY A 145 -12.95 -35.32 -25.51
C GLY A 145 -12.02 -34.25 -24.96
N GLN A 146 -11.49 -33.41 -25.85
CA GLN A 146 -10.56 -32.36 -25.47
C GLN A 146 -11.34 -31.14 -24.97
N ARG A 147 -10.80 -30.45 -23.96
CA ARG A 147 -11.47 -29.24 -23.46
C ARG A 147 -11.39 -28.12 -24.48
N VAL A 148 -12.53 -27.52 -24.81
CA VAL A 148 -12.59 -26.40 -25.75
C VAL A 148 -13.44 -25.23 -25.27
N GLY A 149 -13.65 -25.13 -23.96
CA GLY A 149 -14.57 -24.12 -23.44
C GLY A 149 -13.97 -23.26 -22.34
N GLN A 150 -12.66 -23.37 -22.14
CA GLN A 150 -12.03 -22.54 -21.12
C GLN A 150 -11.74 -21.15 -21.70
N ALA A 151 -11.27 -20.23 -20.88
CA ALA A 151 -11.14 -18.84 -21.30
C ALA A 151 -10.26 -18.74 -22.54
N PRO A 152 -10.64 -17.87 -23.51
CA PRO A 152 -11.76 -16.92 -23.50
C PRO A 152 -12.96 -17.42 -24.32
N ALA A 153 -13.21 -18.72 -24.32
CA ALA A 153 -14.30 -19.27 -25.15
C ALA A 153 -15.62 -18.56 -24.88
N PHE A 154 -15.95 -18.31 -23.62
CA PHE A 154 -17.24 -17.74 -23.27
C PHE A 154 -17.50 -16.43 -24.00
N ILE A 155 -16.49 -15.57 -24.04
CA ILE A 155 -16.70 -14.27 -24.64
C ILE A 155 -16.54 -14.33 -26.15
N VAL A 156 -15.65 -15.20 -26.64
CA VAL A 156 -15.58 -15.43 -28.09
C VAL A 156 -16.95 -15.83 -28.63
N ASP A 157 -17.62 -16.77 -27.97
CA ASP A 157 -18.97 -17.19 -28.41
C ASP A 157 -20.00 -16.06 -28.35
N MET A 158 -19.97 -15.29 -27.26
CA MET A 158 -20.89 -14.16 -27.13
C MET A 158 -20.67 -13.20 -28.28
N LYS A 159 -19.41 -12.89 -28.56
CA LYS A 159 -19.09 -12.02 -29.68
C LYS A 159 -19.52 -12.60 -31.04
N ALA A 160 -19.35 -13.91 -31.23
CA ALA A 160 -19.76 -14.51 -32.51
C ALA A 160 -21.27 -14.43 -32.68
N ALA A 161 -22.01 -14.58 -31.59
CA ALA A 161 -23.47 -14.49 -31.65
C ALA A 161 -23.86 -13.07 -31.98
N ILE A 162 -23.19 -12.10 -31.38
CA ILE A 162 -23.44 -10.70 -31.69
C ILE A 162 -23.12 -10.44 -33.17
N ARG A 163 -21.99 -10.96 -33.63
CA ARG A 163 -21.61 -10.76 -35.02
C ARG A 163 -22.65 -11.34 -35.96
N TYR A 164 -23.22 -12.50 -35.59
CA TYR A 164 -24.30 -13.09 -36.40
C TYR A 164 -25.48 -12.14 -36.53
N VAL A 165 -25.88 -11.56 -35.40
CA VAL A 165 -27.01 -10.65 -35.35
C VAL A 165 -26.78 -9.41 -36.21
N LYS A 166 -25.62 -8.79 -36.05
CA LYS A 166 -25.33 -7.56 -36.77
C LYS A 166 -25.12 -7.82 -38.27
N TYR A 167 -24.48 -8.94 -38.60
CA TYR A 167 -24.35 -9.34 -40.00
C TYR A 167 -25.73 -9.45 -40.62
N ASN A 168 -26.70 -9.90 -39.82
CA ASN A 168 -28.06 -10.10 -40.30
C ASN A 168 -29.03 -8.95 -40.02
N GLN A 169 -28.51 -7.75 -39.80
CA GLN A 169 -29.37 -6.58 -39.62
C GLN A 169 -30.39 -6.54 -40.75
N GLY A 170 -31.65 -6.34 -40.41
CA GLY A 170 -32.66 -6.24 -41.45
C GLY A 170 -33.18 -7.54 -42.03
N ARG A 171 -32.44 -8.63 -41.90
CA ARG A 171 -33.03 -9.95 -42.16
C ARG A 171 -33.64 -10.43 -40.86
N LEU A 172 -32.92 -10.19 -39.78
CA LEU A 172 -33.41 -10.49 -38.45
C LEU A 172 -34.23 -9.30 -37.95
N PRO A 173 -35.44 -9.57 -37.42
CA PRO A 173 -36.21 -8.49 -36.76
C PRO A 173 -35.40 -7.92 -35.61
N GLY A 174 -35.64 -6.64 -35.30
CA GLY A 174 -34.93 -5.97 -34.22
C GLY A 174 -33.83 -5.08 -34.79
N ASP A 175 -33.44 -4.08 -34.03
CA ASP A 175 -32.42 -3.14 -34.45
C ASP A 175 -31.07 -3.61 -33.91
N ALA A 176 -30.19 -4.02 -34.83
CA ALA A 176 -28.90 -4.57 -34.44
C ALA A 176 -28.00 -3.50 -33.84
N ASN A 177 -28.38 -2.23 -33.99
CA ASN A 177 -27.69 -1.13 -33.30
C ASN A 177 -28.24 -0.89 -31.90
N ARG A 178 -29.17 -1.75 -31.48
CA ARG A 178 -29.77 -1.64 -30.16
C ARG A 178 -29.71 -2.99 -29.46
N ILE A 179 -28.55 -3.62 -29.52
CA ILE A 179 -28.32 -4.86 -28.78
C ILE A 179 -28.00 -4.55 -27.33
N ILE A 180 -28.68 -5.25 -26.43
CA ILE A 180 -28.47 -5.12 -25.00
C ILE A 180 -28.24 -6.50 -24.42
N THR A 181 -27.05 -6.72 -23.89
CA THR A 181 -26.71 -8.00 -23.30
C THR A 181 -27.22 -8.03 -21.87
N ASN A 182 -27.53 -9.23 -21.37
CA ASN A 182 -27.93 -9.38 -19.99
C ASN A 182 -27.40 -10.69 -19.48
N GLY A 183 -27.05 -10.73 -18.20
CA GLY A 183 -26.62 -11.98 -17.62
C GLY A 183 -26.39 -11.78 -16.13
N THR A 184 -26.27 -12.89 -15.41
CA THR A 184 -26.08 -12.89 -13.96
C THR A 184 -24.78 -13.61 -13.59
N SER A 185 -24.04 -13.05 -12.65
CA SER A 185 -22.83 -13.67 -12.12
CA SER A 185 -22.82 -13.68 -12.13
C SER A 185 -21.74 -13.80 -13.20
N ALA A 186 -21.28 -15.02 -13.48
CA ALA A 186 -20.32 -15.16 -14.59
C ALA A 186 -20.99 -14.63 -15.87
N GLY A 187 -22.31 -14.80 -15.96
CA GLY A 187 -23.06 -14.27 -17.09
C GLY A 187 -23.09 -12.74 -17.11
N GLY A 188 -23.01 -12.14 -15.91
CA GLY A 188 -23.00 -10.68 -15.80
C GLY A 188 -21.63 -10.19 -16.23
N ALA A 189 -20.59 -10.94 -15.88
CA ALA A 189 -19.26 -10.66 -16.41
C ALA A 189 -19.22 -10.75 -17.93
N THR A 190 -19.92 -11.73 -18.48
CA THR A 190 -19.95 -11.94 -19.93
C THR A 190 -20.63 -10.75 -20.57
N SER A 191 -21.73 -10.33 -19.99
CA SER A 191 -22.45 -9.16 -20.50
C SER A 191 -21.59 -7.91 -20.43
N ALA A 192 -20.96 -7.68 -19.27
CA ALA A 192 -20.11 -6.50 -19.12
C ALA A 192 -18.93 -6.55 -20.07
N LEU A 193 -18.38 -7.75 -20.27
CA LEU A 193 -17.19 -7.87 -21.09
C LEU A 193 -17.54 -7.59 -22.56
N ALA A 194 -18.73 -8.02 -22.99
CA ALA A 194 -19.16 -7.75 -24.36
C ALA A 194 -19.31 -6.24 -24.56
N GLY A 195 -19.85 -5.58 -23.55
CA GLY A 195 -20.03 -4.13 -23.62
C GLY A 195 -18.71 -3.39 -23.64
N ALA A 196 -17.74 -3.88 -22.87
CA ALA A 196 -16.43 -3.20 -22.72
C ALA A 196 -15.50 -3.35 -23.92
N SER A 197 -15.54 -4.53 -24.54
CA SER A 197 -14.49 -4.98 -25.45
C SER A 197 -14.86 -4.96 -26.94
N GLY A 198 -15.88 -4.17 -27.29
CA GLY A 198 -16.33 -4.12 -28.68
C GLY A 198 -15.20 -4.02 -29.70
N ASN A 199 -15.14 -5.01 -30.59
CA ASN A 199 -14.23 -4.98 -31.74
C ASN A 199 -12.77 -5.04 -31.37
N SER A 200 -12.47 -5.50 -30.15
CA SER A 200 -11.10 -5.68 -29.73
C SER A 200 -10.38 -6.67 -30.66
N ALA A 201 -9.17 -6.31 -31.08
CA ALA A 201 -8.44 -7.16 -32.00
C ALA A 201 -7.98 -8.47 -31.36
N TYR A 202 -7.91 -8.49 -30.03
CA TYR A 202 -7.46 -9.67 -29.31
C TYR A 202 -8.23 -10.95 -29.69
N PHE A 203 -9.54 -10.80 -29.92
CA PHE A 203 -10.40 -11.95 -30.17
C PHE A 203 -10.53 -12.30 -31.65
N GLU A 204 -9.89 -11.50 -32.51
CA GLU A 204 -10.10 -11.70 -33.94
C GLU A 204 -9.61 -13.06 -34.46
N PRO A 205 -8.43 -13.51 -34.01
CA PRO A 205 -7.98 -14.83 -34.48
C PRO A 205 -8.94 -15.97 -34.08
N ALA A 206 -9.49 -15.90 -32.85
CA ALA A 206 -10.44 -16.92 -32.40
C ALA A 206 -11.72 -16.89 -33.22
N LEU A 207 -12.25 -15.69 -33.45
CA LEU A 207 -13.47 -15.53 -34.26
C LEU A 207 -13.23 -15.97 -35.71
N THR A 208 -12.04 -15.69 -36.22
CA THR A 208 -11.68 -16.15 -37.56
C THR A 208 -11.64 -17.67 -37.64
N ALA A 209 -11.12 -18.32 -36.59
CA ALA A 209 -10.98 -19.77 -36.61
C ALA A 209 -12.33 -20.47 -36.50
N LEU A 210 -13.27 -19.82 -35.83
CA LEU A 210 -14.64 -20.33 -35.73
C LEU A 210 -15.41 -20.10 -37.01
N GLY A 211 -14.94 -19.18 -37.85
CA GLY A 211 -15.71 -18.76 -39.01
C GLY A 211 -16.96 -17.97 -38.61
N ALA A 212 -16.79 -17.04 -37.66
CA ALA A 212 -17.87 -16.12 -37.27
C ALA A 212 -18.21 -15.18 -38.42
N ALA A 213 -19.39 -14.58 -38.34
CA ALA A 213 -19.86 -13.68 -39.38
C ALA A 213 -18.94 -12.46 -39.47
N PRO A 214 -18.79 -11.92 -40.69
CA PRO A 214 -17.93 -10.74 -40.87
C PRO A 214 -18.70 -9.46 -40.54
N ALA A 215 -18.78 -9.15 -39.25
CA ALA A 215 -19.51 -7.97 -38.80
C ALA A 215 -18.90 -7.55 -37.49
N THR A 216 -19.30 -6.40 -36.99
CA THR A 216 -18.79 -5.87 -35.72
C THR A 216 -19.42 -6.57 -34.55
N ASP A 217 -18.85 -6.41 -33.35
CA ASP A 217 -19.44 -7.00 -32.15
C ASP A 217 -19.65 -6.00 -31.01
N ASP A 218 -19.51 -4.72 -31.31
CA ASP A 218 -19.83 -3.70 -30.32
C ASP A 218 -21.34 -3.60 -30.14
N ILE A 219 -21.76 -3.35 -28.92
CA ILE A 219 -23.17 -3.37 -28.58
C ILE A 219 -23.63 -2.03 -28.01
N PHE A 220 -24.94 -1.90 -27.83
CA PHE A 220 -25.56 -0.64 -27.44
C PHE A 220 -25.54 -0.42 -25.93
N ALA A 221 -25.92 -1.44 -25.18
CA ALA A 221 -26.06 -1.29 -23.74
C ALA A 221 -25.78 -2.59 -23.01
N VAL A 222 -25.42 -2.45 -21.74
CA VAL A 222 -25.13 -3.58 -20.87
C VAL A 222 -26.05 -3.61 -19.64
N SER A 223 -26.66 -4.77 -19.42
CA SER A 223 -27.28 -5.07 -18.14
C SER A 223 -26.46 -6.17 -17.49
N ALA A 224 -26.01 -5.95 -16.25
CA ALA A 224 -25.24 -6.99 -15.55
C ALA A 224 -25.64 -7.10 -14.10
N TYR A 225 -25.98 -8.33 -13.69
CA TYR A 225 -26.30 -8.64 -12.32
C TYR A 225 -25.11 -9.33 -11.73
N CYS A 226 -24.68 -8.84 -10.56
CA CYS A 226 -23.54 -9.34 -9.81
C CYS A 226 -22.41 -9.93 -10.68
N PRO A 227 -21.87 -9.11 -11.59
CA PRO A 227 -20.82 -9.61 -12.48
C PRO A 227 -19.58 -10.09 -11.72
N ILE A 228 -19.25 -11.37 -11.85
CA ILE A 228 -18.06 -11.94 -11.24
C ILE A 228 -16.89 -11.72 -12.20
N HIS A 229 -16.24 -10.57 -12.04
CA HIS A 229 -15.22 -10.10 -12.98
C HIS A 229 -14.07 -9.50 -12.18
N ASN A 230 -13.05 -8.98 -12.87
CA ASN A 230 -11.84 -8.45 -12.22
C ASN A 230 -11.25 -9.54 -11.34
N LEU A 231 -11.23 -10.75 -11.89
CA LEU A 231 -10.84 -11.92 -11.15
C LEU A 231 -9.45 -11.87 -10.52
N GLU A 232 -8.48 -11.27 -11.21
CA GLU A 232 -7.11 -11.21 -10.69
C GLU A 232 -6.93 -10.20 -9.55
N HIS A 233 -7.97 -9.42 -9.22
CA HIS A 233 -7.94 -8.56 -8.03
C HIS A 233 -9.07 -8.88 -7.04
N ALA A 234 -9.84 -9.93 -7.31
CA ALA A 234 -10.98 -10.25 -6.47
C ALA A 234 -10.59 -10.84 -5.11
N ASP A 235 -9.45 -11.52 -5.06
CA ASP A 235 -8.99 -12.05 -3.78
C ASP A 235 -8.64 -10.93 -2.82
N MET A 236 -7.97 -9.90 -3.33
N MET A 236 -7.96 -9.91 -3.33
CA MET A 236 -7.61 -8.74 -2.51
CA MET A 236 -7.61 -8.73 -2.52
C MET A 236 -8.86 -8.05 -2.00
C MET A 236 -8.87 -8.07 -1.99
N ALA A 237 -9.82 -7.82 -2.90
CA ALA A 237 -11.07 -7.14 -2.53
C ALA A 237 -11.86 -7.94 -1.51
N TYR A 238 -11.86 -9.27 -1.68
CA TYR A 238 -12.65 -10.12 -0.79
C TYR A 238 -12.11 -10.07 0.64
N GLU A 239 -10.79 -10.04 0.78
CA GLU A 239 -10.17 -9.99 2.09
C GLU A 239 -10.23 -8.61 2.70
N TRP A 240 -10.17 -7.58 1.86
CA TRP A 240 -10.38 -6.24 2.38
C TRP A 240 -11.76 -6.18 3.05
N GLN A 241 -12.72 -6.85 2.42
CA GLN A 241 -14.09 -6.81 2.96
C GLN A 241 -14.28 -7.72 4.17
N PHE A 242 -13.74 -8.93 4.09
CA PHE A 242 -14.05 -9.95 5.06
C PHE A 242 -12.96 -10.31 6.07
N ASN A 243 -11.80 -9.67 5.98
CA ASN A 243 -10.79 -9.98 6.97
C ASN A 243 -11.35 -9.64 8.37
N GLY A 244 -11.06 -10.49 9.35
CA GLY A 244 -11.56 -10.29 10.70
C GLY A 244 -12.78 -11.14 10.96
N ILE A 245 -13.30 -11.74 9.89
CA ILE A 245 -14.42 -12.68 10.00
C ILE A 245 -13.90 -14.06 9.60
N ASN A 246 -13.64 -14.91 10.60
CA ASN A 246 -12.87 -16.10 10.34
C ASN A 246 -13.63 -17.39 10.06
N ASP A 247 -14.96 -17.33 10.10
CA ASP A 247 -15.79 -18.48 9.72
C ASP A 247 -16.48 -18.18 8.38
N TRP A 248 -16.52 -19.18 7.50
CA TRP A 248 -17.15 -19.04 6.18
C TRP A 248 -18.28 -20.06 5.95
N HIS A 249 -19.30 -19.66 5.22
CA HIS A 249 -20.51 -20.48 5.04
C HIS A 249 -21.01 -20.48 3.60
N ARG A 250 -21.09 -21.66 2.99
CA ARG A 250 -21.52 -21.79 1.59
C ARG A 250 -22.13 -23.17 1.34
N SER A 269 -20.11 -25.13 6.19
CA SER A 269 -19.51 -24.15 7.08
C SER A 269 -18.07 -24.50 7.40
N GLY A 270 -17.19 -23.49 7.41
CA GLY A 270 -15.79 -23.70 7.71
C GLY A 270 -15.17 -22.66 8.64
N GLN A 271 -13.89 -22.84 8.94
CA GLN A 271 -13.16 -21.94 9.84
C GLN A 271 -11.77 -21.68 9.25
N LEU A 272 -11.36 -20.42 9.21
CA LEU A 272 -10.10 -20.07 8.56
C LEU A 272 -8.89 -20.58 9.32
N THR A 273 -7.96 -21.17 8.58
N THR A 273 -7.97 -21.19 8.59
CA THR A 273 -6.72 -21.67 9.15
CA THR A 273 -6.74 -21.67 9.21
C THR A 273 -5.79 -20.50 9.46
C THR A 273 -5.81 -20.50 9.50
N VAL A 274 -4.75 -20.77 10.24
CA VAL A 274 -3.76 -19.75 10.57
C VAL A 274 -3.06 -19.23 9.30
N GLU A 275 -2.79 -20.14 8.37
CA GLU A 275 -2.19 -19.77 7.09
C GLU A 275 -3.16 -18.89 6.29
N GLU A 276 -4.43 -19.27 6.32
CA GLU A 276 -5.47 -18.50 5.62
C GLU A 276 -5.62 -17.11 6.22
N GLN A 277 -5.55 -17.02 7.54
CA GLN A 277 -5.64 -15.73 8.21
C GLN A 277 -4.47 -14.83 7.82
N ALA A 278 -3.29 -15.42 7.70
CA ALA A 278 -2.12 -14.69 7.28
C ALA A 278 -2.27 -14.17 5.85
N LEU A 279 -2.70 -15.04 4.93
CA LEU A 279 -2.95 -14.57 3.57
C LEU A 279 -4.01 -13.50 3.55
N SER A 280 -5.04 -13.67 4.38
CA SER A 280 -6.13 -12.71 4.41
C SER A 280 -5.64 -11.30 4.77
N LEU A 281 -4.86 -11.20 5.84
CA LEU A 281 -4.41 -9.89 6.28
C LEU A 281 -3.58 -9.23 5.19
N ALA A 282 -2.74 -10.01 4.52
CA ALA A 282 -1.88 -9.50 3.47
C ALA A 282 -2.70 -9.11 2.25
N LEU A 283 -3.62 -9.99 1.87
CA LEU A 283 -4.47 -9.70 0.72
C LEU A 283 -5.22 -8.39 0.95
N LYS A 284 -5.76 -8.23 2.15
CA LYS A 284 -6.43 -6.98 2.50
C LYS A 284 -5.52 -5.76 2.33
N ALA A 285 -4.31 -5.84 2.86
CA ALA A 285 -3.36 -4.73 2.75
C ALA A 285 -3.07 -4.41 1.29
N GLN A 286 -2.86 -5.46 0.50
CA GLN A 286 -2.59 -5.28 -0.91
C GLN A 286 -3.71 -4.55 -1.63
N PHE A 287 -4.96 -4.77 -1.19
CA PHE A 287 -6.06 -4.09 -1.87
C PHE A 287 -5.92 -2.57 -1.83
N SER A 288 -5.42 -2.02 -0.74
CA SER A 288 -5.28 -0.57 -0.67
C SER A 288 -4.42 -0.06 -1.82
N THR A 289 -3.30 -0.73 -2.04
CA THR A 289 -2.36 -0.31 -3.06
C THR A 289 -2.99 -0.44 -4.45
N TYR A 290 -3.65 -1.56 -4.70
CA TYR A 290 -4.36 -1.76 -5.97
C TYR A 290 -5.39 -0.65 -6.20
N LEU A 291 -6.25 -0.45 -5.21
CA LEU A 291 -7.33 0.51 -5.30
C LEU A 291 -6.81 1.92 -5.57
N ASN A 292 -5.84 2.37 -4.79
CA ASN A 292 -5.34 3.74 -4.94
C ASN A 292 -4.77 3.99 -6.34
N GLN A 293 -4.12 2.98 -6.90
CA GLN A 293 -3.49 3.12 -8.21
C GLN A 293 -4.51 3.21 -9.35
N LEU A 294 -5.77 2.86 -9.08
CA LEU A 294 -6.81 3.00 -10.10
C LEU A 294 -7.17 4.46 -10.37
N LYS A 295 -6.86 5.34 -9.43
CA LYS A 295 -7.17 6.76 -9.55
C LYS A 295 -8.65 7.04 -9.76
N LEU A 296 -9.50 6.31 -9.03
CA LEU A 296 -10.93 6.54 -9.04
C LEU A 296 -11.27 7.89 -8.41
N THR A 297 -12.23 8.60 -8.98
CA THR A 297 -12.61 9.89 -8.44
C THR A 297 -14.11 9.94 -8.12
N ALA A 298 -14.44 10.68 -7.06
CA ALA A 298 -15.82 10.92 -6.68
C ALA A 298 -16.40 11.97 -7.60
N SER A 299 -17.72 12.12 -7.58
CA SER A 299 -18.38 13.09 -8.45
C SER A 299 -17.73 14.46 -8.42
N ASP A 300 -17.28 14.88 -7.24
CA ASP A 300 -16.68 16.20 -7.07
C ASP A 300 -15.20 16.24 -7.42
N GLY A 301 -14.67 15.12 -7.90
CA GLY A 301 -13.31 15.09 -8.43
C GLY A 301 -12.24 14.63 -7.47
N THR A 302 -12.61 14.36 -6.22
CA THR A 302 -11.65 13.92 -5.21
C THR A 302 -11.23 12.46 -5.42
N HIS A 303 -9.93 12.20 -5.30
CA HIS A 303 -9.39 10.85 -5.43
C HIS A 303 -9.98 9.93 -4.36
N LEU A 304 -10.56 8.82 -4.78
CA LEU A 304 -11.10 7.85 -3.82
C LEU A 304 -9.95 6.94 -3.43
N THR A 305 -9.65 6.85 -2.13
CA THR A 305 -8.47 6.12 -1.68
C THR A 305 -8.71 5.34 -0.40
N LEU A 306 -7.73 4.52 -0.04
CA LEU A 306 -7.70 3.81 1.23
C LEU A 306 -6.31 3.94 1.85
N ASN A 307 -6.25 3.98 3.17
CA ASN A 307 -4.95 4.01 3.85
C ASN A 307 -4.42 2.59 4.08
N GLU A 308 -3.31 2.47 4.82
CA GLU A 308 -2.66 1.18 5.05
C GLU A 308 -3.59 0.22 5.74
N ALA A 309 -4.54 0.75 6.50
CA ALA A 309 -5.44 -0.10 7.26
C ALA A 309 -6.73 -0.38 6.48
N GLY A 310 -6.80 0.09 5.24
CA GLY A 310 -7.99 -0.13 4.42
C GLY A 310 -9.16 0.78 4.73
N MET A 311 -8.91 1.91 5.38
CA MET A 311 -9.96 2.87 5.69
C MET A 311 -9.77 4.09 4.81
N GLY A 312 -10.86 4.80 4.49
CA GLY A 312 -10.72 6.03 3.73
C GLY A 312 -11.91 6.33 2.84
N SER A 313 -11.75 7.29 1.94
CA SER A 313 -12.86 7.79 1.15
C SER A 313 -13.49 6.70 0.29
N PHE A 314 -12.69 5.74 -0.17
CA PHE A 314 -13.29 4.64 -0.93
C PHE A 314 -14.22 3.79 -0.07
N ARG A 315 -13.80 3.51 1.16
CA ARG A 315 -14.65 2.77 2.08
C ARG A 315 -15.94 3.52 2.39
N ASP A 316 -15.84 4.85 2.50
N ASP A 316 -15.83 4.84 2.49
CA ASP A 316 -17.03 5.66 2.75
CA ASP A 316 -17.01 5.67 2.75
C ASP A 316 -18.03 5.48 1.62
C ASP A 316 -18.03 5.56 1.61
N VAL A 317 -17.54 5.41 0.39
CA VAL A 317 -18.41 5.22 -0.79
C VAL A 317 -19.18 3.90 -0.70
N VAL A 318 -18.49 2.82 -0.33
CA VAL A 318 -19.15 1.54 -0.14
C VAL A 318 -20.24 1.64 0.94
N ARG A 319 -19.89 2.28 2.05
CA ARG A 319 -20.83 2.46 3.15
C ARG A 319 -22.04 3.24 2.68
N GLN A 320 -21.81 4.32 1.95
CA GLN A 320 -22.92 5.17 1.51
C GLN A 320 -23.87 4.42 0.58
N LEU A 321 -23.33 3.56 -0.29
CA LEU A 321 -24.20 2.78 -1.16
C LEU A 321 -25.07 1.80 -0.35
N LEU A 322 -24.49 1.20 0.68
CA LEU A 322 -25.26 0.31 1.55
C LEU A 322 -26.29 1.09 2.39
N ILE A 323 -25.92 2.30 2.81
CA ILE A 323 -26.87 3.14 3.53
C ILE A 323 -28.04 3.50 2.61
N SER A 324 -27.71 3.80 1.35
CA SER A 324 -28.72 4.14 0.36
CA SER A 324 -28.74 4.17 0.39
C SER A 324 -29.67 2.97 0.15
N SER A 325 -29.09 1.78 0.03
CA SER A 325 -29.86 0.55 -0.17
C SER A 325 -30.83 0.38 1.00
N ALA A 326 -30.31 0.57 2.21
CA ALA A 326 -31.13 0.46 3.42
C ALA A 326 -32.23 1.52 3.49
N GLN A 327 -31.94 2.73 3.06
CA GLN A 327 -32.94 3.80 3.11
C GLN A 327 -34.09 3.44 2.19
N THR A 328 -33.75 2.93 1.02
CA THR A 328 -34.78 2.55 0.06
C THR A 328 -35.71 1.52 0.66
N ALA A 329 -35.14 0.48 1.28
CA ALA A 329 -35.92 -0.56 1.94
C ALA A 329 -36.71 -0.02 3.14
N PHE A 330 -36.05 0.80 3.94
CA PHE A 330 -36.69 1.40 5.10
C PHE A 330 -37.94 2.19 4.69
N ASP A 331 -37.84 2.90 3.57
CA ASP A 331 -38.96 3.74 3.12
C ASP A 331 -40.17 2.91 2.71
N GLN A 332 -39.95 1.61 2.47
CA GLN A 332 -41.02 0.72 2.04
C GLN A 332 -41.55 -0.12 3.19
N GLY A 333 -41.06 0.12 4.40
CA GLY A 333 -41.52 -0.60 5.57
C GLY A 333 -40.77 -1.89 5.86
N THR A 334 -39.62 -2.06 5.21
CA THR A 334 -38.79 -3.24 5.44
C THR A 334 -37.99 -3.06 6.75
N ASP A 335 -37.81 -4.15 7.49
CA ASP A 335 -37.08 -4.12 8.74
C ASP A 335 -35.61 -4.27 8.41
N ILE A 336 -34.89 -3.16 8.33
CA ILE A 336 -33.49 -3.24 7.94
C ILE A 336 -32.62 -3.84 9.06
N HIS A 337 -33.16 -3.92 10.27
CA HIS A 337 -32.37 -4.44 11.39
C HIS A 337 -32.26 -5.97 11.37
N LYS A 338 -32.68 -6.56 10.25
CA LYS A 338 -32.38 -7.95 9.96
C LYS A 338 -30.87 -8.12 10.00
N TYR A 339 -30.17 -7.09 9.54
CA TYR A 339 -28.72 -7.05 9.60
C TYR A 339 -28.22 -6.03 10.64
N ALA A 340 -27.04 -6.28 11.17
CA ALA A 340 -26.44 -5.41 12.17
C ALA A 340 -25.82 -4.14 11.58
N GLY A 341 -25.71 -3.11 12.42
CA GLY A 341 -24.87 -1.97 12.12
C GLY A 341 -25.54 -0.67 11.72
N PHE A 342 -26.80 -0.72 11.33
CA PHE A 342 -27.45 0.47 10.80
C PHE A 342 -27.91 1.41 11.91
N VAL A 343 -27.58 2.67 11.75
CA VAL A 343 -28.07 3.70 12.68
C VAL A 343 -29.24 4.40 12.02
N VAL A 344 -30.41 4.33 12.65
CA VAL A 344 -31.59 5.01 12.16
C VAL A 344 -31.91 6.18 13.10
N THR A 345 -32.00 7.38 12.53
CA THR A 345 -32.34 8.55 13.30
C THR A 345 -33.66 9.06 12.73
N GLY A 346 -34.70 9.06 13.56
CA GLY A 346 -36.03 9.38 13.05
C GLY A 346 -36.35 8.45 11.89
N ASN A 347 -36.55 9.02 10.71
CA ASN A 347 -36.91 8.23 9.54
C ASN A 347 -35.76 8.13 8.54
N GLN A 348 -34.54 8.38 9.03
CA GLN A 348 -33.38 8.37 8.17
C GLN A 348 -32.33 7.39 8.65
N VAL A 349 -31.85 6.58 7.71
CA VAL A 349 -30.65 5.80 7.94
C VAL A 349 -29.49 6.76 7.86
N THR A 350 -28.91 7.10 9.00
CA THR A 350 -27.94 8.17 9.06
C THR A 350 -26.50 7.66 9.06
N ASP A 351 -26.30 6.39 9.42
CA ASP A 351 -24.96 5.86 9.44
C ASP A 351 -24.97 4.33 9.41
N LEU A 352 -23.79 3.74 9.25
CA LEU A 352 -23.66 2.30 9.21
C LEU A 352 -22.30 1.87 9.75
N ASP A 353 -22.33 0.95 10.72
CA ASP A 353 -21.14 0.26 11.20
C ASP A 353 -20.89 -0.86 10.20
N LEU A 354 -19.99 -0.63 9.26
CA LEU A 354 -19.83 -1.56 8.14
C LEU A 354 -19.30 -2.91 8.61
N SER A 355 -18.40 -2.91 9.60
CA SER A 355 -17.86 -4.16 10.13
C SER A 355 -18.97 -5.03 10.74
N ALA A 356 -19.85 -4.40 11.51
CA ALA A 356 -20.99 -5.09 12.11
C ALA A 356 -21.91 -5.67 11.02
N TYR A 357 -22.17 -4.88 10.00
CA TYR A 357 -23.00 -5.35 8.90
C TYR A 357 -22.39 -6.61 8.27
N LEU A 358 -21.09 -6.56 7.99
CA LEU A 358 -20.46 -7.65 7.25
C LEU A 358 -20.42 -8.93 8.08
N LYS A 359 -20.27 -8.77 9.39
CA LYS A 359 -20.29 -9.92 10.29
C LYS A 359 -21.68 -10.58 10.28
N SER A 360 -22.74 -9.77 10.24
CA SER A 360 -24.07 -10.32 10.22
CA SER A 360 -24.10 -10.28 10.20
C SER A 360 -24.41 -10.89 8.84
N LEU A 361 -23.78 -10.37 7.79
CA LEU A 361 -23.97 -10.90 6.44
C LEU A 361 -23.29 -12.27 6.29
N THR A 362 -22.13 -12.40 6.92
CA THR A 362 -21.27 -13.59 6.90
C THR A 362 -20.41 -13.73 5.64
N ARG A 363 -19.22 -14.27 5.87
CA ARG A 363 -18.28 -14.59 4.81
C ARG A 363 -18.73 -15.87 4.13
N MET A 364 -18.63 -15.91 2.80
N MET A 364 -18.63 -15.91 2.80
CA MET A 364 -18.99 -17.11 2.05
CA MET A 364 -19.01 -17.11 2.03
C MET A 364 -17.78 -17.95 1.70
C MET A 364 -17.80 -17.96 1.64
N LYS A 365 -16.76 -17.32 1.14
CA LYS A 365 -15.60 -18.02 0.63
C LYS A 365 -14.39 -18.03 1.57
N ALA A 366 -13.54 -19.04 1.43
CA ALA A 366 -12.30 -19.11 2.20
C ALA A 366 -11.22 -18.27 1.50
N VAL A 367 -9.94 -18.54 1.78
CA VAL A 367 -8.84 -17.72 1.27
C VAL A 367 -7.73 -18.51 0.57
N PRO A 368 -7.31 -18.07 -0.63
CA PRO A 368 -7.93 -17.00 -1.40
C PRO A 368 -9.31 -17.46 -1.87
N ALA A 369 -10.21 -16.50 -2.08
CA ALA A 369 -11.58 -16.81 -2.45
C ALA A 369 -11.69 -17.22 -3.91
N PHE A 370 -10.80 -16.72 -4.76
CA PHE A 370 -10.91 -17.00 -6.20
C PHE A 370 -9.76 -17.83 -6.75
N ASP A 371 -8.53 -17.39 -6.49
CA ASP A 371 -7.39 -18.15 -6.96
C ASP A 371 -6.96 -19.07 -5.83
N GLN A 372 -7.63 -20.23 -5.71
N GLN A 372 -7.62 -20.23 -5.73
CA GLN A 372 -7.30 -21.15 -4.64
CA GLN A 372 -7.29 -21.17 -4.66
C GLN A 372 -5.90 -21.76 -4.83
C GLN A 372 -5.88 -21.74 -4.84
N LEU A 373 -5.17 -21.96 -3.73
CA LEU A 373 -3.79 -22.42 -3.81
C LEU A 373 -3.71 -23.82 -4.39
N ASP A 374 -4.81 -24.56 -4.27
CA ASP A 374 -4.86 -25.93 -4.78
C ASP A 374 -5.60 -26.06 -6.12
N LEU A 375 -5.87 -24.93 -6.78
CA LEU A 375 -6.48 -24.92 -8.13
C LEU A 375 -7.92 -25.44 -8.17
N THR A 376 -8.60 -25.45 -7.03
CA THR A 376 -9.93 -26.06 -7.00
C THR A 376 -11.12 -25.14 -7.32
N SER A 377 -10.90 -23.88 -7.61
CA SER A 377 -12.04 -22.98 -7.80
C SER A 377 -12.56 -23.01 -9.24
N PRO A 378 -13.79 -22.51 -9.45
CA PRO A 378 -14.34 -22.36 -10.80
C PRO A 378 -13.43 -21.48 -11.63
N GLU A 379 -12.89 -20.43 -11.03
CA GLU A 379 -12.01 -19.53 -11.77
C GLU A 379 -10.69 -20.20 -12.15
N ASN A 380 -10.14 -21.02 -11.25
CA ASN A 380 -8.94 -21.80 -11.60
C ASN A 380 -9.18 -22.64 -12.86
N ASN A 381 -10.33 -23.30 -12.91
CA ASN A 381 -10.69 -24.16 -14.04
C ASN A 381 -10.97 -23.34 -15.31
N LEU A 382 -11.59 -22.17 -15.15
CA LEU A 382 -11.80 -21.24 -16.25
C LEU A 382 -10.48 -20.89 -16.94
N PHE A 383 -9.43 -20.69 -16.14
CA PHE A 383 -8.13 -20.30 -16.70
C PHE A 383 -7.24 -21.47 -17.14
N GLY A 384 -7.73 -22.69 -17.01
CA GLY A 384 -7.02 -23.83 -17.58
C GLY A 384 -7.13 -23.82 -19.09
N ASP A 385 -6.53 -24.83 -19.73
CA ASP A 385 -6.64 -24.95 -21.18
C ASP A 385 -6.69 -26.43 -21.55
N ALA A 386 -6.58 -26.71 -22.86
CA ALA A 386 -6.59 -28.10 -23.34
C ALA A 386 -5.51 -28.94 -22.63
N THR A 387 -4.40 -28.30 -22.27
CA THR A 387 -3.32 -28.99 -21.57
C THR A 387 -3.49 -29.01 -20.03
N ALA A 388 -3.85 -27.89 -19.43
CA ALA A 388 -3.97 -27.81 -17.97
C ALA A 388 -5.42 -27.61 -17.55
N LYS A 389 -5.92 -28.48 -16.70
CA LYS A 389 -7.30 -28.40 -16.25
C LYS A 389 -7.56 -27.07 -15.54
N ALA A 390 -6.54 -26.57 -14.84
CA ALA A 390 -6.68 -25.36 -14.04
C ALA A 390 -5.35 -24.62 -13.96
N LYS A 391 -5.39 -23.30 -13.78
CA LYS A 391 -4.17 -22.51 -13.62
C LYS A 391 -4.39 -21.43 -12.57
N HIS A 392 -3.30 -20.89 -12.06
CA HIS A 392 -3.37 -19.68 -11.25
C HIS A 392 -3.48 -18.48 -12.17
N PHE A 393 -3.88 -17.36 -11.59
CA PHE A 393 -4.03 -16.11 -12.34
C PHE A 393 -3.66 -14.91 -11.47
N THR A 394 -2.98 -15.21 -10.36
CA THR A 394 -2.39 -14.17 -9.52
C THR A 394 -0.98 -14.59 -9.12
N ALA A 395 -0.08 -13.63 -8.95
CA ALA A 395 1.28 -13.93 -8.48
C ALA A 395 1.28 -14.59 -7.10
N LEU A 396 0.42 -14.12 -6.21
CA LEU A 396 0.36 -14.64 -4.86
C LEU A 396 0.03 -16.12 -4.81
N ALA A 397 -0.99 -16.54 -5.56
CA ALA A 397 -1.41 -17.94 -5.50
C ALA A 397 -0.42 -18.87 -6.23
N GLN A 398 0.25 -18.34 -7.25
CA GLN A 398 1.26 -19.12 -7.93
C GLN A 398 2.45 -19.36 -7.01
N THR A 399 2.90 -18.29 -6.35
CA THR A 399 4.04 -18.38 -5.46
C THR A 399 3.76 -19.35 -4.31
N ARG A 400 2.52 -19.33 -3.83
CA ARG A 400 2.14 -20.11 -2.66
C ARG A 400 1.36 -21.39 -2.99
N SER A 401 1.41 -21.78 -4.26
CA SER A 401 0.59 -22.89 -4.73
C SER A 401 0.88 -24.17 -3.94
N THR A 402 -0.16 -24.91 -3.61
CA THR A 402 0.04 -26.15 -2.88
C THR A 402 0.02 -27.35 -3.83
N VAL A 403 -0.13 -27.06 -5.13
CA VAL A 403 -0.04 -28.10 -6.15
C VAL A 403 0.84 -27.58 -7.29
N THR A 404 1.43 -28.49 -8.05
CA THR A 404 2.23 -28.07 -9.19
C THR A 404 1.31 -27.33 -10.15
N ALA A 405 1.72 -26.14 -10.59
CA ALA A 405 0.80 -25.28 -11.34
C ALA A 405 1.52 -24.25 -12.20
N GLN A 406 0.83 -23.78 -13.22
CA GLN A 406 1.28 -22.67 -14.04
C GLN A 406 0.34 -21.48 -13.91
N LEU A 407 0.85 -20.30 -14.22
CA LEU A 407 0.04 -19.09 -14.33
C LEU A 407 -0.51 -18.97 -15.72
N ALA A 408 -1.77 -18.57 -15.82
CA ALA A 408 -2.34 -18.22 -17.11
C ALA A 408 -1.63 -17.02 -17.69
N ASP A 409 -1.68 -16.92 -19.02
CA ASP A 409 -1.08 -15.82 -19.76
C ASP A 409 -1.62 -14.47 -19.29
N ALA A 410 -0.72 -13.51 -19.06
CA ALA A 410 -1.13 -12.18 -18.56
C ALA A 410 -2.09 -11.47 -19.52
N GLU A 411 -1.87 -11.66 -20.82
CA GLU A 411 -2.71 -11.02 -21.80
C GLU A 411 -4.13 -11.58 -21.78
N LEU A 412 -4.24 -12.88 -21.54
CA LEU A 412 -5.57 -13.52 -21.44
C LEU A 412 -6.32 -13.01 -20.21
N ILE A 413 -5.62 -12.93 -19.08
CA ILE A 413 -6.22 -12.44 -17.86
C ILE A 413 -6.74 -11.03 -18.09
N GLN A 414 -5.93 -10.19 -18.73
CA GLN A 414 -6.28 -8.81 -19.03
C GLN A 414 -7.46 -8.74 -19.99
N ALA A 415 -7.46 -9.62 -21.00
CA ALA A 415 -8.47 -9.61 -22.05
C ALA A 415 -9.88 -9.91 -21.58
N ILE A 416 -10.01 -10.71 -20.53
CA ILE A 416 -11.35 -11.08 -20.07
C ILE A 416 -11.84 -10.23 -18.91
N ASN A 417 -11.06 -9.22 -18.56
CA ASN A 417 -11.42 -8.28 -17.51
C ASN A 417 -12.05 -7.02 -18.11
N PRO A 418 -13.35 -6.79 -17.87
CA PRO A 418 -13.97 -5.61 -18.49
C PRO A 418 -13.19 -4.31 -18.18
N LEU A 419 -12.61 -4.22 -16.99
CA LEU A 419 -11.89 -2.99 -16.62
C LEU A 419 -10.72 -2.63 -17.55
N SER A 420 -10.11 -3.64 -18.18
CA SER A 420 -8.96 -3.41 -19.05
C SER A 420 -9.27 -2.44 -20.18
N TYR A 421 -10.54 -2.36 -20.56
CA TYR A 421 -10.94 -1.64 -21.76
C TYR A 421 -11.35 -0.20 -21.47
N LEU A 422 -11.60 0.07 -20.22
CA LEU A 422 -12.03 1.41 -19.83
C LEU A 422 -10.82 2.35 -19.69
N THR A 423 -9.61 1.80 -19.58
CA THR A 423 -8.40 2.63 -19.49
C THR A 423 -7.47 2.51 -20.69
N THR A 424 -7.85 1.74 -21.71
CA THR A 424 -7.08 1.68 -22.95
C THR A 424 -7.95 2.04 -24.16
N THR A 425 -7.31 2.22 -25.31
CA THR A 425 -8.02 2.62 -26.52
C THR A 425 -8.08 1.47 -27.52
N SER A 426 -8.44 0.29 -27.05
CA SER A 426 -8.37 -0.91 -27.87
C SER A 426 -9.73 -1.54 -28.16
N SER A 427 -10.79 -0.73 -28.13
CA SER A 427 -12.15 -1.24 -28.38
C SER A 427 -13.20 -0.13 -28.43
N GLN A 428 -14.41 -0.49 -28.87
CA GLN A 428 -15.54 0.43 -28.81
C GLN A 428 -16.52 0.03 -27.67
N VAL A 429 -16.69 0.94 -26.72
CA VAL A 429 -17.39 0.63 -25.47
C VAL A 429 -18.85 1.06 -25.51
N ALA A 430 -19.74 0.18 -25.07
CA ALA A 430 -21.15 0.54 -24.98
C ALA A 430 -21.30 1.80 -24.14
N LYS A 431 -22.23 2.67 -24.51
CA LYS A 431 -22.35 3.96 -23.83
C LYS A 431 -23.26 3.90 -22.60
N HIS A 432 -24.01 2.80 -22.47
CA HIS A 432 -25.06 2.70 -21.46
C HIS A 432 -24.98 1.41 -20.66
N TRP A 433 -24.91 1.55 -19.33
CA TRP A 433 -24.67 0.44 -18.43
C TRP A 433 -25.66 0.45 -17.27
N ARG A 434 -26.17 -0.72 -16.91
CA ARG A 434 -26.99 -0.85 -15.70
C ARG A 434 -26.48 -2.05 -14.94
N ILE A 435 -25.95 -1.80 -13.76
CA ILE A 435 -25.31 -2.81 -12.94
CA ILE A 435 -25.32 -2.82 -12.95
C ILE A 435 -26.01 -2.92 -11.61
N ARG A 436 -26.27 -4.15 -11.17
CA ARG A 436 -26.84 -4.38 -9.85
C ARG A 436 -26.04 -5.45 -9.15
N HIS A 437 -25.84 -5.30 -7.85
CA HIS A 437 -25.22 -6.34 -7.05
C HIS A 437 -25.93 -6.33 -5.69
N GLY A 438 -26.57 -7.44 -5.35
CA GLY A 438 -27.39 -7.54 -4.14
C GLY A 438 -26.63 -7.20 -2.87
N ALA A 439 -27.28 -6.45 -1.98
CA ALA A 439 -26.66 -6.09 -0.71
C ALA A 439 -26.41 -7.31 0.20
N ALA A 440 -27.00 -8.46 -0.13
CA ALA A 440 -26.76 -9.68 0.62
C ALA A 440 -25.97 -10.70 -0.20
N ASP A 441 -25.36 -10.23 -1.27
CA ASP A 441 -24.59 -11.11 -2.16
C ASP A 441 -23.11 -11.08 -1.74
N ARG A 442 -22.61 -12.21 -1.28
CA ARG A 442 -21.25 -12.33 -0.72
C ARG A 442 -20.35 -13.16 -1.62
N ASP A 443 -20.76 -13.37 -2.86
CA ASP A 443 -19.97 -14.16 -3.79
C ASP A 443 -18.72 -13.42 -4.27
N THR A 444 -18.78 -12.10 -4.25
CA THR A 444 -17.59 -11.26 -4.43
C THR A 444 -17.79 -10.00 -3.60
N SER A 445 -16.70 -9.32 -3.27
CA SER A 445 -16.78 -8.07 -2.51
C SER A 445 -17.60 -7.00 -3.23
N PHE A 446 -18.36 -6.24 -2.46
CA PHE A 446 -19.03 -5.06 -3.00
C PHE A 446 -18.07 -4.13 -3.77
N ALA A 447 -16.80 -4.12 -3.37
CA ALA A 447 -15.82 -3.25 -4.03
C ALA A 447 -15.72 -3.56 -5.53
N ILE A 448 -15.94 -4.81 -5.91
CA ILE A 448 -15.76 -5.23 -7.30
C ILE A 448 -16.73 -4.55 -8.26
N PRO A 449 -18.05 -4.71 -8.05
CA PRO A 449 -18.97 -3.98 -8.92
C PRO A 449 -18.86 -2.47 -8.73
N ILE A 450 -18.53 -2.02 -7.52
CA ILE A 450 -18.42 -0.59 -7.30
C ILE A 450 -17.27 0.03 -8.11
N ILE A 451 -16.13 -0.66 -8.15
CA ILE A 451 -15.02 -0.20 -9.00
C ILE A 451 -15.45 -0.07 -10.45
N LEU A 452 -16.13 -1.10 -10.96
CA LEU A 452 -16.59 -1.04 -12.35
C LEU A 452 -17.49 0.17 -12.57
N ALA A 453 -18.47 0.37 -11.68
CA ALA A 453 -19.40 1.48 -11.83
C ALA A 453 -18.72 2.85 -11.79
N ILE A 454 -17.80 3.02 -10.85
CA ILE A 454 -17.12 4.30 -10.76
C ILE A 454 -16.23 4.53 -11.99
N MET A 455 -15.51 3.51 -12.42
CA MET A 455 -14.63 3.68 -13.59
C MET A 455 -15.46 4.05 -14.82
N LEU A 456 -16.63 3.44 -14.96
CA LEU A 456 -17.55 3.82 -16.03
C LEU A 456 -17.93 5.29 -15.93
N GLU A 457 -18.34 5.70 -14.74
CA GLU A 457 -18.74 7.09 -14.52
C GLU A 457 -17.59 8.03 -14.83
N ASN A 458 -16.42 7.72 -14.30
CA ASN A 458 -15.23 8.55 -14.47
C ASN A 458 -14.86 8.75 -15.92
N HIS A 459 -15.21 7.80 -16.77
CA HIS A 459 -14.83 7.90 -18.17
C HIS A 459 -15.95 8.35 -19.09
N GLY A 460 -17.06 8.80 -18.49
CA GLY A 460 -18.10 9.45 -19.26
C GLY A 460 -19.22 8.55 -19.75
N TYR A 461 -19.19 7.27 -19.38
CA TYR A 461 -20.25 6.36 -19.78
C TYR A 461 -21.49 6.52 -18.90
N GLY A 462 -22.65 6.17 -19.43
CA GLY A 462 -23.87 6.20 -18.65
C GLY A 462 -23.88 4.99 -17.74
N ILE A 463 -24.07 5.20 -16.45
CA ILE A 463 -24.10 4.10 -15.51
C ILE A 463 -25.19 4.25 -14.46
N ASP A 464 -26.07 3.25 -14.39
CA ASP A 464 -27.16 3.20 -13.43
C ASP A 464 -26.78 2.06 -12.49
N PHE A 465 -26.46 2.39 -11.23
CA PHE A 465 -25.89 1.40 -10.31
C PHE A 465 -26.57 1.43 -8.93
N ALA A 466 -26.77 0.25 -8.35
CA ALA A 466 -27.29 0.13 -6.99
C ALA A 466 -26.94 -1.22 -6.39
N LEU A 467 -27.00 -1.28 -5.05
CA LEU A 467 -26.90 -2.52 -4.31
C LEU A 467 -28.26 -2.83 -3.70
N PRO A 468 -29.13 -3.56 -4.42
CA PRO A 468 -30.50 -3.73 -3.92
C PRO A 468 -30.57 -4.42 -2.55
N TRP A 469 -31.41 -3.91 -1.65
CA TRP A 469 -31.46 -4.38 -0.27
C TRP A 469 -31.81 -5.87 -0.14
N ASP A 470 -31.05 -6.59 0.67
CA ASP A 470 -31.31 -8.00 1.02
C ASP A 470 -31.50 -8.89 -0.20
N ILE A 471 -30.84 -8.54 -1.30
CA ILE A 471 -30.89 -9.39 -2.48
C ILE A 471 -29.66 -10.29 -2.49
N PRO A 472 -29.88 -11.61 -2.63
CA PRO A 472 -28.77 -12.57 -2.64
C PRO A 472 -28.10 -12.67 -4.00
N HIS A 473 -27.21 -13.64 -4.16
CA HIS A 473 -26.54 -13.85 -5.43
C HIS A 473 -27.60 -14.34 -6.43
N SER A 474 -28.00 -13.47 -7.34
CA SER A 474 -29.14 -13.74 -8.22
C SER A 474 -29.27 -12.62 -9.25
N GLY A 475 -30.23 -12.73 -10.17
CA GLY A 475 -30.46 -11.67 -11.15
C GLY A 475 -31.88 -11.65 -11.71
N ASP A 476 -32.17 -10.69 -12.58
CA ASP A 476 -33.46 -10.59 -13.23
C ASP A 476 -34.62 -10.45 -12.24
N TYR A 477 -34.37 -9.84 -11.08
CA TYR A 477 -35.42 -9.76 -10.06
C TYR A 477 -36.13 -8.41 -10.04
N ASP A 478 -35.75 -7.53 -10.97
CA ASP A 478 -36.26 -6.17 -11.01
C ASP A 478 -36.56 -5.81 -12.46
N LEU A 479 -37.16 -6.74 -13.19
CA LEU A 479 -37.36 -6.56 -14.63
C LEU A 479 -38.17 -5.31 -14.95
N GLY A 480 -39.10 -4.96 -14.07
CA GLY A 480 -39.89 -3.75 -14.25
C GLY A 480 -38.98 -2.55 -14.42
N ASP A 481 -38.00 -2.45 -13.53
CA ASP A 481 -37.05 -1.34 -13.60
C ASP A 481 -36.04 -1.50 -14.75
N LEU A 482 -35.55 -2.71 -14.97
CA LEU A 482 -34.61 -2.93 -16.08
C LEU A 482 -35.25 -2.51 -17.39
N PHE A 483 -36.50 -2.94 -17.60
CA PHE A 483 -37.20 -2.67 -18.86
C PHE A 483 -37.55 -1.19 -19.01
N SER A 484 -37.89 -0.53 -17.90
CA SER A 484 -38.05 0.91 -17.95
C SER A 484 -36.74 1.61 -18.33
N TRP A 485 -35.61 1.12 -17.83
CA TRP A 485 -34.31 1.67 -18.24
C TRP A 485 -34.03 1.45 -19.75
N ILE A 486 -34.26 0.24 -20.24
CA ILE A 486 -34.06 -0.04 -21.66
C ILE A 486 -34.98 0.86 -22.49
N ASP A 487 -36.24 0.93 -22.09
CA ASP A 487 -37.17 1.75 -22.82
C ASP A 487 -36.74 3.22 -22.86
N GLY A 488 -36.24 3.73 -21.74
CA GLY A 488 -35.73 5.09 -21.66
C GLY A 488 -34.64 5.35 -22.69
N LEU A 489 -33.83 4.32 -22.94
CA LEU A 489 -32.74 4.42 -23.91
C LEU A 489 -33.24 4.33 -25.35
N CYS A 490 -34.24 3.48 -25.57
CA CYS A 490 -34.55 3.03 -26.93
C CYS A 490 -35.77 3.63 -27.61
N GLN A 491 -36.77 4.03 -26.83
CA GLN A 491 -38.02 4.46 -27.45
C GLN A 491 -37.87 5.82 -28.11
N SER B 22 17.91 26.62 39.71
CA SER B 22 16.90 27.59 40.14
C SER B 22 17.05 28.82 39.26
N MET B 23 16.19 29.81 39.46
N MET B 23 16.19 29.81 39.46
CA MET B 23 16.32 31.06 38.69
CA MET B 23 16.31 31.07 38.71
C MET B 23 17.62 31.83 38.98
C MET B 23 17.63 31.80 38.95
N SER B 24 18.35 31.42 40.01
CA SER B 24 19.68 31.99 40.23
C SER B 24 20.68 31.64 39.13
N ASN B 25 20.44 30.51 38.46
CA ASN B 25 21.30 30.13 37.35
C ASN B 25 20.98 31.00 36.16
N ARG B 26 21.90 31.90 35.81
CA ARG B 26 21.61 32.90 34.77
C ARG B 26 21.83 32.38 33.35
N LEU B 27 22.42 31.20 33.24
CA LEU B 27 22.70 30.58 31.93
C LEU B 27 23.67 31.45 31.12
N ILE B 28 24.56 32.15 31.81
CA ILE B 28 25.53 33.00 31.14
C ILE B 28 26.88 32.30 31.14
N PHE B 29 27.36 31.95 29.95
CA PHE B 29 28.70 31.38 29.83
C PHE B 29 29.78 32.43 30.08
N ASP B 30 30.87 32.03 30.75
CA ASP B 30 32.00 32.90 31.01
C ASP B 30 33.26 32.19 30.50
N ALA B 31 33.92 32.77 29.52
CA ALA B 31 35.12 32.16 28.93
C ALA B 31 36.23 32.06 29.96
N ASP B 32 36.13 32.83 31.03
CA ASP B 32 37.14 32.73 32.09
C ASP B 32 37.07 31.36 32.74
N TRP B 33 36.01 30.60 32.46
CA TRP B 33 35.89 29.24 32.99
C TRP B 33 36.77 28.24 32.25
N LEU B 34 37.26 28.63 31.08
CA LEU B 34 38.01 27.70 30.25
C LEU B 34 39.40 27.40 30.82
N VAL B 35 39.73 26.12 30.91
CA VAL B 35 41.04 25.73 31.42
C VAL B 35 41.81 24.91 30.37
N PRO B 36 43.13 25.12 30.29
CA PRO B 36 43.95 24.46 29.27
C PRO B 36 44.19 22.99 29.55
N GLU B 37 44.11 22.18 28.51
CA GLU B 37 44.35 20.74 28.59
C GLU B 37 44.92 20.25 27.27
N GLN B 38 45.42 19.02 27.25
CA GLN B 38 45.77 18.38 25.99
C GLN B 38 45.45 16.91 26.08
N VAL B 39 45.19 16.28 24.95
CA VAL B 39 45.05 14.84 24.86
C VAL B 39 46.21 14.33 24.03
N GLN B 40 46.95 13.37 24.56
CA GLN B 40 48.02 12.74 23.82
C GLN B 40 47.58 11.37 23.40
N VAL B 41 47.26 11.23 22.12
CA VAL B 41 46.72 9.99 21.60
C VAL B 41 47.17 9.76 20.15
N ALA B 42 47.51 8.51 19.83
CA ALA B 42 47.87 8.14 18.46
C ALA B 42 48.94 9.05 17.87
N GLY B 43 49.94 9.39 18.67
CA GLY B 43 51.06 10.21 18.20
C GLY B 43 50.75 11.69 18.06
N GLN B 44 49.59 12.10 18.56
CA GLN B 44 49.13 13.48 18.47
C GLN B 44 49.15 14.13 19.85
N ALA B 45 49.25 15.46 19.88
CA ALA B 45 49.12 16.21 21.13
C ALA B 45 48.20 17.38 20.86
N ILE B 46 46.92 17.17 21.10
CA ILE B 46 45.91 18.12 20.69
C ILE B 46 45.58 19.05 21.86
N GLN B 47 45.80 20.35 21.66
CA GLN B 47 45.63 21.32 22.74
C GLN B 47 44.28 21.99 22.66
N TYR B 48 43.64 22.15 23.81
CA TYR B 48 42.30 22.73 23.82
C TYR B 48 42.01 23.29 25.20
N TYR B 49 40.88 23.98 25.33
CA TYR B 49 40.42 24.46 26.62
C TYR B 49 39.08 23.84 26.92
N ALA B 50 38.82 23.61 28.20
CA ALA B 50 37.59 22.91 28.60
C ALA B 50 36.83 23.68 29.67
N ALA B 51 35.51 23.60 29.60
CA ALA B 51 34.66 24.08 30.68
C ALA B 51 33.56 23.03 30.84
N ARG B 52 33.56 22.36 31.98
CA ARG B 52 32.72 21.17 32.15
C ARG B 52 31.55 21.37 33.10
N ASN B 53 30.57 20.47 32.98
CA ASN B 53 29.45 20.38 33.91
C ASN B 53 28.64 21.66 34.06
N ILE B 54 28.32 22.25 32.93
CA ILE B 54 27.53 23.46 32.90
C ILE B 54 26.06 23.10 32.91
N GLN B 55 25.33 23.56 33.93
CA GLN B 55 23.88 23.35 33.98
C GLN B 55 23.23 24.23 32.94
N TYR B 56 22.74 23.63 31.84
CA TYR B 56 22.26 24.43 30.72
C TYR B 56 20.77 24.82 30.77
N VAL B 57 20.07 24.41 31.83
CA VAL B 57 18.72 24.92 32.10
C VAL B 57 18.58 25.32 33.57
N GLN B 58 17.59 26.15 33.87
CA GLN B 58 17.45 26.61 35.25
C GLN B 58 16.81 25.58 36.15
N HIS B 59 15.98 24.71 35.57
CA HIS B 59 15.25 23.72 36.37
C HIS B 59 15.44 22.31 35.84
N PRO B 60 16.69 21.81 35.87
CA PRO B 60 16.89 20.42 35.45
C PRO B 60 16.16 19.43 36.36
N VAL B 61 15.74 18.31 35.78
CA VAL B 61 15.09 17.24 36.53
C VAL B 61 15.99 16.02 36.70
N ALA B 62 17.17 16.05 36.07
CA ALA B 62 18.09 14.91 36.12
C ALA B 62 19.53 15.39 36.08
N ALA B 63 20.40 14.70 36.81
CA ALA B 63 21.81 15.07 36.89
C ALA B 63 22.52 15.08 35.53
N ILE B 64 21.99 14.31 34.58
CA ILE B 64 22.64 14.17 33.28
C ILE B 64 22.56 15.45 32.44
N GLN B 65 21.65 16.34 32.83
CA GLN B 65 21.43 17.57 32.07
C GLN B 65 22.48 18.65 32.30
N VAL B 66 23.73 18.34 31.95
CA VAL B 66 24.78 19.33 31.92
C VAL B 66 25.48 19.24 30.56
N LEU B 67 26.25 20.25 30.22
CA LEU B 67 27.02 20.20 28.98
C LEU B 67 28.47 20.59 29.24
N ASN B 68 29.33 20.16 28.31
CA ASN B 68 30.76 20.45 28.35
C ASN B 68 31.12 21.26 27.11
N VAL B 69 32.08 22.17 27.25
CA VAL B 69 32.53 23.03 26.16
C VAL B 69 34.03 22.84 25.96
N PHE B 70 34.41 22.60 24.72
CA PHE B 70 35.81 22.38 24.36
C PHE B 70 36.20 23.27 23.21
N VAL B 71 37.31 23.98 23.34
CA VAL B 71 37.68 25.04 22.41
C VAL B 71 39.14 24.83 22.01
N PRO B 72 39.42 24.82 20.69
CA PRO B 72 40.82 24.74 20.22
C PRO B 72 41.69 25.80 20.92
N ALA B 73 42.88 25.43 21.38
CA ALA B 73 43.68 26.34 22.18
C ALA B 73 43.96 27.66 21.45
N ALA B 74 44.15 27.57 20.13
CA ALA B 74 44.42 28.74 19.31
C ALA B 74 43.47 29.92 19.55
N TYR B 75 42.20 29.63 19.83
CA TYR B 75 41.20 30.68 19.94
C TYR B 75 41.28 31.42 21.27
N LEU B 76 42.08 30.93 22.21
CA LEU B 76 42.24 31.64 23.48
C LEU B 76 43.40 32.64 23.45
N HIS B 77 44.07 32.73 22.30
CA HIS B 77 45.07 33.78 22.13
C HIS B 77 45.07 34.43 20.74
N GLY B 78 43.88 34.54 20.15
CA GLY B 78 43.68 35.30 18.93
C GLY B 78 44.22 34.66 17.66
N SER B 79 44.47 33.36 17.71
CA SER B 79 45.07 32.68 16.56
CA SER B 79 45.06 32.68 16.57
C SER B 79 44.00 31.96 15.74
N SER B 80 44.44 31.22 14.73
CA SER B 80 43.49 30.54 13.86
C SER B 80 43.86 29.08 13.66
N VAL B 81 42.84 28.29 13.30
CA VAL B 81 43.05 26.89 12.97
C VAL B 81 42.35 26.61 11.64
N ASN B 82 43.13 26.19 10.64
CA ASN B 82 42.55 25.85 9.35
CA ASN B 82 42.58 25.88 9.33
C ASN B 82 41.68 27.00 8.84
N GLY B 83 42.12 28.23 9.10
CA GLY B 83 41.38 29.41 8.66
C GLY B 83 40.29 29.90 9.61
N TYR B 84 39.81 29.03 10.50
CA TYR B 84 38.77 29.46 11.42
C TYR B 84 39.34 30.32 12.54
N GLN B 85 38.48 31.12 13.16
CA GLN B 85 38.89 31.94 14.30
C GLN B 85 37.87 31.84 15.43
N ARG B 86 38.20 32.42 16.57
N ARG B 86 38.20 32.42 16.57
CA ARG B 86 37.32 32.33 17.73
CA ARG B 86 37.33 32.35 17.74
C ARG B 86 35.87 32.66 17.39
C ARG B 86 35.88 32.65 17.37
N ALA B 87 35.67 33.70 16.59
CA ALA B 87 34.32 34.15 16.25
C ALA B 87 33.65 33.40 15.11
N THR B 88 34.43 32.65 14.34
CA THR B 88 33.92 32.05 13.12
C THR B 88 33.87 30.51 13.11
N ALA B 89 34.50 29.88 14.09
CA ALA B 89 34.60 28.41 14.10
C ALA B 89 33.22 27.76 14.15
N PRO B 90 33.03 26.72 13.34
CA PRO B 90 31.81 25.91 13.49
C PRO B 90 31.71 25.34 14.89
N ILE B 91 30.49 25.11 15.33
CA ILE B 91 30.27 24.47 16.62
C ILE B 91 29.68 23.11 16.39
N LEU B 92 30.46 22.08 16.66
CA LEU B 92 29.96 20.72 16.55
C LEU B 92 29.25 20.34 17.84
N MET B 93 28.03 19.82 17.69
CA MET B 93 27.26 19.38 18.85
C MET B 93 26.90 17.91 18.72
N PRO B 94 27.86 17.03 19.07
CA PRO B 94 27.67 15.59 19.03
C PRO B 94 26.86 15.12 20.23
N ASN B 95 26.16 14.00 20.09
CA ASN B 95 25.56 13.40 21.28
C ASN B 95 25.95 11.93 21.40
N THR B 96 25.77 11.37 22.59
CA THR B 96 26.14 10.00 22.88
C THR B 96 24.93 9.11 23.06
N VAL B 97 23.77 9.55 22.54
CA VAL B 97 22.55 8.77 22.66
C VAL B 97 22.58 7.55 21.75
N GLY B 98 22.37 6.37 22.34
CA GLY B 98 22.10 5.15 21.57
C GLY B 98 20.93 4.41 22.21
N GLY B 99 20.14 3.71 21.40
CA GLY B 99 19.04 2.91 21.92
C GLY B 99 18.02 3.73 22.69
N TYR B 100 17.99 5.04 22.43
CA TYR B 100 17.09 5.97 23.10
C TYR B 100 17.31 5.95 24.61
N LEU B 101 18.52 5.53 25.00
CA LEU B 101 19.02 5.63 26.36
C LEU B 101 19.61 7.00 26.65
N PRO B 102 19.85 7.31 27.94
CA PRO B 102 20.44 8.62 28.25
C PRO B 102 21.81 8.72 27.60
N GLY B 103 22.19 9.91 27.14
CA GLY B 103 23.52 10.11 26.55
C GLY B 103 24.32 11.11 27.35
N PRO B 104 25.28 10.63 28.17
CA PRO B 104 26.04 11.57 29.01
C PRO B 104 26.82 12.59 28.20
N ALA B 105 27.10 13.74 28.82
CA ALA B 105 27.92 14.78 28.21
C ALA B 105 29.31 14.19 27.90
N ASP B 106 29.76 14.35 26.66
CA ASP B 106 31.00 13.73 26.19
C ASP B 106 32.23 14.60 26.44
N ASP B 107 33.42 14.07 26.15
CA ASP B 107 34.67 14.65 26.65
C ASP B 107 35.81 13.98 25.86
N PRO B 108 36.76 14.78 25.37
CA PRO B 108 37.92 14.19 24.69
C PRO B 108 38.76 13.31 25.61
N GLN B 109 38.57 13.44 26.92
CA GLN B 109 39.32 12.64 27.89
C GLN B 109 38.57 11.36 28.25
N ARG B 110 37.32 11.24 27.78
CA ARG B 110 36.44 10.19 28.25
C ARG B 110 36.82 8.83 27.67
N VAL B 111 36.88 7.81 28.53
CA VAL B 111 37.19 6.46 28.08
C VAL B 111 36.06 5.50 28.43
N THR B 112 35.04 6.03 29.10
CA THR B 112 33.90 5.23 29.52
C THR B 112 32.81 5.25 28.45
N TRP B 113 32.22 4.08 28.21
CA TRP B 113 31.17 3.95 27.22
C TRP B 113 29.86 4.51 27.76
N PRO B 114 29.08 5.20 26.91
CA PRO B 114 29.33 5.51 25.50
C PRO B 114 30.13 6.80 25.34
N THR B 115 30.96 6.86 24.33
CA THR B 115 31.73 8.06 24.07
C THR B 115 32.15 8.14 22.61
N ASN B 116 32.23 9.36 22.10
CA ASN B 116 32.83 9.61 20.82
C ASN B 116 34.05 10.52 21.04
N ALA B 117 34.83 10.25 22.08
CA ALA B 117 35.96 11.09 22.41
C ALA B 117 36.92 11.26 21.21
N GLY B 118 37.08 10.23 20.40
CA GLY B 118 38.03 10.34 19.29
C GLY B 118 37.56 11.37 18.29
N THR B 119 36.25 11.42 18.07
CA THR B 119 35.69 12.40 17.15
C THR B 119 35.86 13.81 17.68
N ILE B 120 35.69 13.97 18.99
N ILE B 120 35.70 13.99 18.98
CA ILE B 120 35.87 15.27 19.60
CA ILE B 120 35.87 15.34 19.52
C ILE B 120 37.32 15.72 19.45
C ILE B 120 37.33 15.75 19.47
N GLN B 121 38.24 14.78 19.64
CA GLN B 121 39.65 15.08 19.52
C GLN B 121 39.93 15.59 18.12
N GLN B 122 39.42 14.88 17.12
CA GLN B 122 39.70 15.26 15.73
C GLN B 122 39.01 16.57 15.36
N ALA B 123 37.83 16.78 15.92
CA ALA B 123 37.10 18.02 15.67
C ALA B 123 37.88 19.23 16.19
N LEU B 124 38.44 19.11 17.39
CA LEU B 124 39.23 20.20 17.97
C LEU B 124 40.45 20.44 17.11
N LYS B 125 41.07 19.36 16.66
CA LYS B 125 42.25 19.47 15.80
C LYS B 125 41.93 20.19 14.50
N ARG B 126 40.69 20.04 14.03
CA ARG B 126 40.24 20.62 12.77
C ARG B 126 39.85 22.09 12.94
N GLY B 127 39.67 22.56 14.17
CA GLY B 127 39.31 23.95 14.39
C GLY B 127 37.89 24.15 14.88
N TYR B 128 37.17 23.07 15.14
CA TYR B 128 35.78 23.25 15.56
C TYR B 128 35.71 23.39 17.07
N VAL B 129 34.78 24.24 17.53
CA VAL B 129 34.41 24.26 18.94
C VAL B 129 33.44 23.10 19.12
N VAL B 130 33.52 22.43 20.27
CA VAL B 130 32.63 21.31 20.52
C VAL B 130 31.84 21.55 21.79
N VAL B 131 30.51 21.48 21.68
CA VAL B 131 29.67 21.57 22.85
C VAL B 131 28.92 20.25 22.95
N ALA B 132 29.25 19.50 23.98
CA ALA B 132 28.79 18.14 24.15
C ALA B 132 27.81 18.09 25.30
N ALA B 133 26.54 17.96 24.95
CA ALA B 133 25.47 18.03 25.95
C ALA B 133 25.02 16.66 26.42
N GLY B 134 24.78 16.53 27.73
CA GLY B 134 24.15 15.34 28.29
C GLY B 134 22.65 15.39 28.02
N ILE B 135 22.08 14.23 27.73
CA ILE B 135 20.71 14.15 27.21
C ILE B 135 19.96 13.05 27.94
N ARG B 136 18.79 13.36 28.47
CA ARG B 136 18.05 12.33 29.19
C ARG B 136 17.62 11.26 28.22
N GLY B 137 17.36 10.07 28.75
CA GLY B 137 16.87 8.95 27.96
C GLY B 137 15.83 8.15 28.72
N ARG B 138 15.39 7.05 28.10
CA ARG B 138 14.18 6.38 28.55
C ARG B 138 14.27 5.75 29.93
N THR B 139 15.48 5.57 30.45
CA THR B 139 15.66 4.99 31.78
C THR B 139 15.88 6.07 32.87
N THR B 140 15.96 7.33 32.48
CA THR B 140 16.26 8.41 33.42
C THR B 140 15.12 8.65 34.42
N VAL B 141 15.45 8.76 35.70
CA VAL B 141 14.45 9.14 36.70
C VAL B 141 14.85 10.43 37.43
N ASP B 142 13.86 11.07 38.05
CA ASP B 142 14.14 12.28 38.82
C ASP B 142 14.44 11.97 40.27
N LYS B 143 14.55 13.03 41.08
CA LYS B 143 14.95 12.91 42.46
C LYS B 143 13.96 12.08 43.25
N SER B 144 12.73 12.01 42.77
N SER B 144 12.73 12.00 42.76
CA SER B 144 11.69 11.28 43.48
CA SER B 144 11.68 11.27 43.47
C SER B 144 11.47 9.88 42.89
C SER B 144 11.47 9.88 42.89
N GLY B 145 12.27 9.53 41.88
CA GLY B 145 12.24 8.21 41.31
C GLY B 145 11.26 8.08 40.15
N GLN B 146 10.66 9.19 39.75
CA GLN B 146 9.69 9.19 38.65
C GLN B 146 10.44 9.23 37.32
N ARG B 147 9.91 8.53 36.30
CA ARG B 147 10.57 8.55 34.99
C ARG B 147 10.43 9.94 34.37
N VAL B 148 11.55 10.52 33.94
CA VAL B 148 11.52 11.83 33.32
C VAL B 148 12.33 11.89 32.02
N GLY B 149 12.56 10.73 31.40
CA GLY B 149 13.43 10.69 30.24
C GLY B 149 12.79 10.08 29.00
N GLN B 150 11.51 9.71 29.07
CA GLN B 150 10.84 9.17 27.87
C GLN B 150 10.51 10.30 26.89
N ALA B 151 10.01 9.95 25.70
CA ALA B 151 9.81 10.96 24.67
C ALA B 151 8.86 12.05 25.17
N PRO B 152 9.12 13.31 24.82
CA PRO B 152 10.18 13.83 23.95
C PRO B 152 11.41 14.36 24.69
N ALA B 153 11.78 13.79 25.81
CA ALA B 153 12.83 14.38 26.65
C ALA B 153 14.14 14.54 25.87
N PHE B 154 14.47 13.54 25.05
CA PHE B 154 15.75 13.54 24.35
C PHE B 154 15.93 14.78 23.48
N ILE B 155 14.89 15.11 22.72
CA ILE B 155 14.98 16.26 21.83
C ILE B 155 14.78 17.60 22.58
N VAL B 156 13.98 17.57 23.64
CA VAL B 156 13.87 18.75 24.50
C VAL B 156 15.24 19.14 25.06
N ASP B 157 15.99 18.18 25.57
CA ASP B 157 17.34 18.48 26.08
C ASP B 157 18.28 18.97 24.98
N MET B 158 18.23 18.32 23.81
CA MET B 158 19.10 18.75 22.74
C MET B 158 18.78 20.19 22.41
N LYS B 159 17.50 20.52 22.37
CA LYS B 159 17.10 21.89 22.03
C LYS B 159 17.50 22.85 23.13
N ALA B 160 17.37 22.44 24.38
CA ALA B 160 17.80 23.29 25.50
C ALA B 160 19.31 23.58 25.41
N ALA B 161 20.10 22.56 25.08
CA ALA B 161 21.54 22.78 24.93
C ALA B 161 21.83 23.73 23.78
N ILE B 162 21.13 23.55 22.67
CA ILE B 162 21.27 24.48 21.56
CA ILE B 162 21.23 24.47 21.54
C ILE B 162 20.90 25.90 21.97
N ARG B 163 19.82 26.07 22.70
CA ARG B 163 19.42 27.42 23.14
C ARG B 163 20.49 28.04 24.03
N TYR B 164 21.11 27.23 24.88
CA TYR B 164 22.19 27.72 25.72
C TYR B 164 23.34 28.27 24.87
N VAL B 165 23.70 27.53 23.83
CA VAL B 165 24.78 27.95 22.93
C VAL B 165 24.42 29.24 22.19
N LYS B 166 23.21 29.29 21.65
CA LYS B 166 22.80 30.48 20.91
C LYS B 166 22.63 31.71 21.81
N TYR B 167 22.03 31.51 22.99
CA TYR B 167 21.91 32.58 23.96
C TYR B 167 23.29 33.18 24.24
N ASN B 168 24.30 32.31 24.22
CA ASN B 168 25.64 32.73 24.57
C ASN B 168 26.57 33.03 23.39
N GLN B 169 25.97 33.32 22.23
CA GLN B 169 26.76 33.61 21.03
C GLN B 169 27.89 34.59 21.32
N GLY B 170 27.57 35.70 22.00
CA GLY B 170 28.58 36.71 22.23
C GLY B 170 29.70 36.31 23.19
N ARG B 171 29.51 35.20 23.90
CA ARG B 171 30.39 34.85 25.01
C ARG B 171 31.14 33.52 24.84
N LEU B 172 30.53 32.61 24.11
CA LEU B 172 31.12 31.30 23.84
C LEU B 172 31.92 31.38 22.56
N PRO B 173 33.17 30.88 22.57
CA PRO B 173 33.88 30.76 21.30
C PRO B 173 33.10 29.92 20.29
N GLY B 174 33.32 30.18 19.00
CA GLY B 174 32.60 29.50 17.95
C GLY B 174 31.39 30.31 17.50
N ASP B 175 30.89 30.03 16.32
CA ASP B 175 29.79 30.79 15.75
C ASP B 175 28.49 30.02 15.93
N ALA B 176 27.59 30.55 16.77
CA ALA B 176 26.33 29.88 17.05
C ALA B 176 25.40 29.79 15.85
N ASN B 177 25.72 30.50 14.78
CA ASN B 177 25.00 30.39 13.52
C ASN B 177 25.54 29.24 12.66
N ARG B 178 26.52 28.53 13.20
CA ARG B 178 27.13 27.41 12.49
C ARG B 178 27.19 26.17 13.38
N ILE B 179 26.07 25.90 14.06
CA ILE B 179 25.91 24.69 14.84
C ILE B 179 25.64 23.48 13.92
N ILE B 180 26.45 22.43 14.05
CA ILE B 180 26.24 21.20 13.30
C ILE B 180 26.06 20.09 14.31
N THR B 181 24.86 19.50 14.38
CA THR B 181 24.65 18.39 15.28
C THR B 181 25.18 17.10 14.65
N ASN B 182 25.57 16.15 15.50
CA ASN B 182 26.07 14.86 15.01
C ASN B 182 25.65 13.78 15.98
N GLY B 183 25.28 12.63 15.46
CA GLY B 183 24.89 11.52 16.30
C GLY B 183 24.75 10.24 15.48
N THR B 184 24.74 9.12 16.17
CA THR B 184 24.59 7.80 15.55
C THR B 184 23.37 7.07 16.10
N SER B 185 22.65 6.38 15.21
N SER B 185 22.66 6.39 15.19
N SER B 185 22.63 6.43 15.19
CA SER B 185 21.51 5.56 15.61
CA SER B 185 21.45 5.63 15.52
CA SER B 185 21.47 5.63 15.55
C SER B 185 20.37 6.43 16.15
C SER B 185 20.38 6.51 16.16
C SER B 185 20.35 6.47 16.15
N ALA B 186 19.96 6.18 17.38
CA ALA B 186 18.97 7.02 18.06
C ALA B 186 19.53 8.44 18.17
N GLY B 187 20.84 8.55 18.36
CA GLY B 187 21.53 9.83 18.33
C GLY B 187 21.53 10.49 16.97
N GLY B 188 21.46 9.68 15.91
CA GLY B 188 21.34 10.23 14.57
C GLY B 188 19.92 10.77 14.38
N ALA B 189 18.94 10.06 14.93
CA ALA B 189 17.57 10.58 14.99
C ALA B 189 17.50 11.90 15.76
N THR B 190 18.26 12.00 16.84
CA THR B 190 18.27 13.22 17.65
C THR B 190 18.80 14.38 16.83
N SER B 191 19.92 14.15 16.14
CA SER B 191 20.51 15.16 15.29
C SER B 191 19.55 15.57 14.17
N ALA B 192 18.97 14.58 13.50
CA ALA B 192 18.02 14.86 12.41
C ALA B 192 16.79 15.64 12.89
N LEU B 193 16.28 15.26 14.04
CA LEU B 193 15.13 15.93 14.60
C LEU B 193 15.43 17.39 14.97
N ALA B 194 16.61 17.63 15.57
CA ALA B 194 17.01 18.99 15.87
C ALA B 194 17.03 19.82 14.58
N GLY B 195 17.62 19.25 13.52
CA GLY B 195 17.61 19.91 12.23
C GLY B 195 16.22 20.18 11.65
N ALA B 196 15.30 19.24 11.84
CA ALA B 196 13.98 19.34 11.17
C ALA B 196 13.00 20.24 11.90
N SER B 197 13.16 20.33 13.22
CA SER B 197 12.10 20.86 14.06
C SER B 197 12.42 22.22 14.71
N GLY B 198 13.36 22.95 14.13
CA GLY B 198 13.82 24.22 14.72
C GLY B 198 12.67 25.14 15.12
N ASN B 199 12.69 25.56 16.39
CA ASN B 199 11.72 26.53 16.89
C ASN B 199 10.26 26.09 16.79
N SER B 200 10.01 24.79 16.73
CA SER B 200 8.64 24.29 16.71
C SER B 200 7.94 24.60 18.03
N ALA B 201 6.71 25.10 17.93
CA ALA B 201 5.93 25.50 19.10
C ALA B 201 5.56 24.33 20.00
N TYR B 202 5.53 23.13 19.42
CA TYR B 202 5.25 21.93 20.19
C TYR B 202 6.10 21.80 21.44
N PHE B 203 7.39 22.16 21.34
CA PHE B 203 8.32 21.94 22.45
C PHE B 203 8.43 23.09 23.44
N GLU B 204 7.71 24.17 23.17
N GLU B 204 7.71 24.17 23.17
CA GLU B 204 7.89 25.37 23.99
CA GLU B 204 7.85 25.38 23.97
C GLU B 204 7.44 25.17 25.44
C GLU B 204 7.42 25.20 25.42
N PRO B 205 6.27 24.53 25.65
CA PRO B 205 5.88 24.34 27.06
C PRO B 205 6.95 23.56 27.85
N ALA B 206 7.56 22.56 27.22
CA ALA B 206 8.57 21.74 27.88
C ALA B 206 9.83 22.55 28.19
N LEU B 207 10.26 23.36 27.23
CA LEU B 207 11.46 24.18 27.39
C LEU B 207 11.24 25.27 28.43
N THR B 208 10.02 25.79 28.45
CA THR B 208 9.68 26.80 29.44
C THR B 208 9.73 26.20 30.83
N ALA B 209 9.20 24.98 30.98
CA ALA B 209 9.17 24.32 32.28
C ALA B 209 10.57 24.02 32.79
N LEU B 210 11.50 23.72 31.88
CA LEU B 210 12.88 23.47 32.24
C LEU B 210 13.62 24.77 32.54
N GLY B 211 13.06 25.90 32.13
CA GLY B 211 13.78 27.16 32.23
C GLY B 211 15.00 27.19 31.31
N ALA B 212 14.78 26.80 30.05
CA ALA B 212 15.84 26.85 29.06
C ALA B 212 16.10 28.31 28.67
N ALA B 213 17.26 28.55 28.07
CA ALA B 213 17.69 29.89 27.71
C ALA B 213 16.76 30.50 26.67
N PRO B 214 16.60 31.83 26.71
CA PRO B 214 15.65 32.48 25.80
C PRO B 214 16.33 32.79 24.46
N ALA B 215 16.40 31.77 23.61
CA ALA B 215 17.09 31.90 22.33
C ALA B 215 16.44 30.89 21.41
N THR B 216 16.76 30.96 20.12
CA THR B 216 16.25 29.98 19.16
C THR B 216 16.97 28.65 19.27
N ASP B 217 16.44 27.62 18.60
CA ASP B 217 17.11 26.32 18.60
C ASP B 217 17.20 25.69 17.21
N ASP B 218 16.96 26.49 16.17
CA ASP B 218 17.20 26.00 14.83
C ASP B 218 18.71 25.94 14.63
N ILE B 219 19.17 24.98 13.83
CA ILE B 219 20.60 24.81 13.62
C ILE B 219 20.98 24.97 12.14
N PHE B 220 22.30 24.99 11.88
CA PHE B 220 22.84 25.25 10.55
C PHE B 220 22.91 23.97 9.69
N ALA B 221 23.30 22.86 10.30
CA ALA B 221 23.51 21.65 9.51
C ALA B 221 23.35 20.41 10.35
N VAL B 222 23.01 19.31 9.68
CA VAL B 222 22.82 18.02 10.33
C VAL B 222 23.79 16.97 9.78
N SER B 223 24.55 16.35 10.68
CA SER B 223 25.19 15.08 10.38
C SER B 223 24.42 13.98 11.14
N ALA B 224 23.95 12.97 10.41
CA ALA B 224 23.27 11.83 11.05
C ALA B 224 23.76 10.50 10.48
N TYR B 225 24.24 9.63 11.36
CA TYR B 225 24.57 8.26 11.00
C TYR B 225 23.43 7.33 11.41
N CYS B 226 23.01 6.51 10.45
CA CYS B 226 21.95 5.51 10.64
C CYS B 226 20.83 5.97 11.58
N PRO B 227 20.21 7.11 11.25
CA PRO B 227 19.19 7.63 12.16
C PRO B 227 17.98 6.69 12.30
N ILE B 228 17.75 6.22 13.52
CA ILE B 228 16.64 5.31 13.78
C ILE B 228 15.39 6.17 14.09
N HIS B 229 14.64 6.47 13.02
CA HIS B 229 13.55 7.44 13.10
C HIS B 229 12.40 6.93 12.27
N ASN B 230 11.34 7.72 12.18
CA ASN B 230 10.14 7.30 11.48
C ASN B 230 9.64 6.00 12.07
N LEU B 231 9.65 5.96 13.40
CA LEU B 231 9.44 4.72 14.12
C LEU B 231 8.07 4.09 13.83
N GLU B 232 7.07 4.93 13.61
CA GLU B 232 5.70 4.45 13.40
C GLU B 232 5.50 3.88 12.00
N HIS B 233 6.53 3.93 11.16
CA HIS B 233 6.44 3.31 9.83
C HIS B 233 7.58 2.31 9.62
N ALA B 234 8.40 2.12 10.66
CA ALA B 234 9.61 1.32 10.52
C ALA B 234 9.32 -0.19 10.49
N ASP B 235 8.26 -0.62 11.15
CA ASP B 235 7.89 -2.04 11.10
C ASP B 235 7.47 -2.45 9.70
N MET B 236 6.68 -1.60 9.05
CA MET B 236 6.30 -1.86 7.66
C MET B 236 7.52 -1.94 6.76
N ALA B 237 8.42 -0.96 6.88
CA ALA B 237 9.61 -0.92 6.02
C ALA B 237 10.49 -2.15 6.27
N TYR B 238 10.60 -2.53 7.54
CA TYR B 238 11.44 -3.66 7.90
C TYR B 238 10.97 -4.95 7.24
N GLU B 239 9.65 -5.16 7.19
CA GLU B 239 9.11 -6.38 6.58
C GLU B 239 9.08 -6.33 5.06
N TRP B 240 8.90 -5.13 4.53
CA TRP B 240 9.04 -4.98 3.09
C TRP B 240 10.43 -5.51 2.72
N GLN B 241 11.42 -5.17 3.52
CA GLN B 241 12.80 -5.53 3.21
C GLN B 241 13.07 -7.00 3.50
N PHE B 242 12.57 -7.49 4.63
CA PHE B 242 13.03 -8.78 5.13
C PHE B 242 12.04 -9.92 5.11
N ASN B 243 10.83 -9.67 4.62
CA ASN B 243 9.87 -10.76 4.51
C ASN B 243 10.42 -11.90 3.66
N GLY B 244 10.19 -13.14 4.11
CA GLY B 244 10.68 -14.30 3.38
C GLY B 244 12.03 -14.76 3.87
N ILE B 245 12.66 -13.93 4.68
CA ILE B 245 13.89 -14.33 5.37
C ILE B 245 13.52 -14.58 6.81
N ASN B 246 13.53 -15.84 7.22
CA ASN B 246 12.86 -16.26 8.45
C ASN B 246 13.74 -16.53 9.64
N ASP B 247 15.04 -16.48 9.44
CA ASP B 247 15.96 -16.53 10.58
C ASP B 247 16.46 -15.13 10.89
N TRP B 248 16.57 -14.81 12.18
CA TRP B 248 17.14 -13.52 12.56
C TRP B 248 18.44 -13.72 13.35
N HIS B 249 19.31 -12.71 13.30
CA HIS B 249 20.60 -12.77 13.98
C HIS B 249 20.89 -11.41 14.58
N ARG B 250 21.09 -11.37 15.89
CA ARG B 250 21.36 -10.12 16.57
CA ARG B 250 21.33 -10.12 16.59
C ARG B 250 22.22 -10.36 17.81
N TYR B 251 22.16 -9.47 18.78
CA TYR B 251 22.98 -9.58 19.97
C TYR B 251 22.13 -9.37 21.22
N GLN B 252 22.61 -9.87 22.35
CA GLN B 252 21.89 -9.70 23.60
C GLN B 252 22.85 -9.57 24.75
N PRO B 253 22.40 -8.93 25.84
CA PRO B 253 23.13 -8.73 27.09
C PRO B 253 23.65 -10.02 27.72
N VAL B 254 24.90 -9.98 28.18
CA VAL B 254 25.44 -11.01 29.08
C VAL B 254 26.13 -10.32 30.25
N ALA B 255 26.10 -10.96 31.41
CA ALA B 255 26.65 -10.38 32.63
C ALA B 255 28.04 -9.78 32.44
N GLY B 256 28.27 -8.62 33.04
CA GLY B 256 29.59 -8.03 33.06
C GLY B 256 29.80 -6.87 32.10
N THR B 257 31.02 -6.33 32.11
CA THR B 257 31.37 -5.18 31.30
C THR B 257 32.87 -5.19 30.96
N THR B 258 33.21 -4.86 29.73
CA THR B 258 34.59 -4.55 29.41
C THR B 258 35.00 -3.47 30.40
N LYS B 259 36.28 -3.43 30.76
CA LYS B 259 36.77 -2.48 31.76
C LYS B 259 36.08 -1.11 31.69
N ASN B 260 35.78 -0.66 30.48
CA ASN B 260 35.26 0.70 30.25
C ASN B 260 33.76 0.91 30.56
N GLY B 261 33.09 -0.15 31.01
CA GLY B 261 31.68 -0.04 31.36
C GLY B 261 30.75 -0.47 30.25
N ARG B 262 31.33 -0.92 29.14
CA ARG B 262 30.55 -1.49 28.05
C ARG B 262 30.37 -2.98 28.32
N PRO B 263 29.12 -3.46 28.28
CA PRO B 263 28.86 -4.87 28.51
C PRO B 263 29.09 -5.66 27.22
N LYS B 264 30.02 -6.61 27.25
CA LYS B 264 30.25 -7.46 26.09
C LYS B 264 28.91 -8.05 25.67
N PHE B 265 28.87 -8.55 24.45
CA PHE B 265 27.64 -9.18 24.02
C PHE B 265 27.95 -10.52 23.39
N GLU B 266 26.89 -11.30 23.24
CA GLU B 266 27.00 -12.56 22.53
C GLU B 266 25.97 -12.51 21.42
N PRO B 267 26.30 -13.11 20.28
CA PRO B 267 25.29 -13.18 19.23
C PRO B 267 24.15 -14.06 19.70
N VAL B 268 22.95 -13.82 19.18
CA VAL B 268 21.84 -14.73 19.43
C VAL B 268 21.04 -14.79 18.14
N SER B 269 20.52 -15.98 17.86
CA SER B 269 19.81 -16.22 16.60
C SER B 269 18.55 -17.01 16.86
N GLY B 270 17.53 -16.80 16.04
CA GLY B 270 16.29 -17.54 16.16
C GLY B 270 15.52 -17.64 14.85
N GLN B 271 14.35 -18.28 14.92
CA GLN B 271 13.49 -18.43 13.75
C GLN B 271 12.18 -17.72 14.01
N LEU B 272 11.67 -17.04 12.99
CA LEU B 272 10.38 -16.41 13.15
C LEU B 272 9.33 -17.47 13.41
N THR B 273 8.45 -17.19 14.37
CA THR B 273 7.33 -18.08 14.66
C THR B 273 6.35 -18.00 13.51
N VAL B 274 5.38 -18.90 13.49
CA VAL B 274 4.36 -18.86 12.46
C VAL B 274 3.58 -17.56 12.60
N GLU B 275 3.40 -17.10 13.84
CA GLU B 275 2.69 -15.86 14.08
C GLU B 275 3.47 -14.67 13.54
N GLU B 276 4.79 -14.68 13.76
CA GLU B 276 5.62 -13.61 13.23
C GLU B 276 5.63 -13.61 11.71
N GLN B 277 5.69 -14.80 11.11
CA GLN B 277 5.72 -14.89 9.65
C GLN B 277 4.45 -14.35 9.05
N ALA B 278 3.32 -14.62 9.70
CA ALA B 278 2.03 -14.16 9.22
C ALA B 278 1.94 -12.65 9.26
N LEU B 279 2.30 -12.07 10.40
CA LEU B 279 2.26 -10.62 10.54
C LEU B 279 3.21 -9.95 9.56
N SER B 280 4.34 -10.59 9.29
CA SER B 280 5.33 -10.04 8.36
C SER B 280 4.74 -9.77 6.97
N LEU B 281 4.00 -10.73 6.44
N LEU B 281 4.02 -10.75 6.44
CA LEU B 281 3.41 -10.58 5.12
CA LEU B 281 3.39 -10.59 5.13
C LEU B 281 2.52 -9.34 5.06
C LEU B 281 2.52 -9.34 5.07
N ALA B 282 1.74 -9.13 6.11
CA ALA B 282 0.81 -8.00 6.15
C ALA B 282 1.57 -6.69 6.25
N LEU B 283 2.57 -6.64 7.13
CA LEU B 283 3.36 -5.43 7.29
C LEU B 283 4.04 -5.05 5.96
N LYS B 284 4.63 -6.04 5.29
CA LYS B 284 5.23 -5.75 4.00
C LYS B 284 4.21 -5.16 3.03
N ALA B 285 3.02 -5.78 2.94
CA ALA B 285 1.98 -5.28 2.04
C ALA B 285 1.59 -3.84 2.38
N GLN B 286 1.51 -3.54 3.68
CA GLN B 286 1.12 -2.20 4.09
C GLN B 286 2.14 -1.15 3.70
N PHE B 287 3.41 -1.53 3.61
CA PHE B 287 4.43 -0.55 3.25
C PHE B 287 4.18 0.08 1.89
N SER B 288 3.66 -0.68 0.94
CA SER B 288 3.44 -0.12 -0.38
C SER B 288 2.53 1.10 -0.34
N THR B 289 1.44 0.97 0.40
CA THR B 289 0.46 2.06 0.50
C THR B 289 1.06 3.27 1.21
N TYR B 290 1.75 3.00 2.30
CA TYR B 290 2.43 4.09 3.01
C TYR B 290 3.40 4.82 2.07
N LEU B 291 4.24 4.05 1.39
CA LEU B 291 5.30 4.61 0.55
C LEU B 291 4.68 5.43 -0.57
N ASN B 292 3.69 4.86 -1.25
CA ASN B 292 3.09 5.55 -2.38
C ASN B 292 2.46 6.88 -1.98
N GLN B 293 1.82 6.90 -0.82
CA GLN B 293 1.11 8.09 -0.31
C GLN B 293 2.07 9.22 0.04
N LEU B 294 3.35 8.91 0.22
CA LEU B 294 4.35 9.95 0.44
C LEU B 294 4.55 10.85 -0.77
N LYS B 295 4.24 10.35 -1.96
CA LYS B 295 4.44 11.11 -3.19
C LYS B 295 5.88 11.56 -3.38
N LEU B 296 6.81 10.68 -3.06
CA LEU B 296 8.23 10.93 -3.27
C LEU B 296 8.52 10.95 -4.76
N THR B 297 9.47 11.80 -5.18
CA THR B 297 9.84 11.85 -6.61
C THR B 297 11.35 11.75 -6.79
N ALA B 298 11.78 11.23 -7.92
CA ALA B 298 13.21 11.14 -8.21
C ALA B 298 13.73 12.49 -8.71
N SER B 299 15.05 12.63 -8.74
CA SER B 299 15.68 13.84 -9.24
C SER B 299 15.09 14.20 -10.59
N ASP B 300 14.80 13.15 -11.37
CA ASP B 300 14.29 13.32 -12.72
C ASP B 300 12.76 13.45 -12.79
N GLY B 301 12.11 13.59 -11.64
CA GLY B 301 10.67 13.83 -11.60
C GLY B 301 9.76 12.62 -11.43
N THR B 302 10.29 11.43 -11.66
CA THR B 302 9.54 10.19 -11.50
C THR B 302 8.89 10.06 -10.11
N HIS B 303 7.57 9.83 -10.05
CA HIS B 303 6.93 9.45 -8.79
C HIS B 303 7.41 8.06 -8.39
N LEU B 304 8.08 7.95 -7.25
CA LEU B 304 8.66 6.69 -6.80
C LEU B 304 7.61 5.86 -6.06
N THR B 305 7.28 4.69 -6.61
CA THR B 305 6.15 3.92 -6.09
C THR B 305 6.52 2.44 -5.95
N LEU B 306 5.61 1.69 -5.34
CA LEU B 306 5.71 0.24 -5.28
C LEU B 306 4.34 -0.34 -5.60
N ASN B 307 4.33 -1.52 -6.20
CA ASN B 307 3.05 -2.19 -6.46
C ASN B 307 2.65 -3.06 -5.29
N GLU B 308 1.58 -3.84 -5.48
CA GLU B 308 1.03 -4.67 -4.41
C GLU B 308 2.04 -5.64 -3.84
N ALA B 309 3.01 -6.04 -4.68
CA ALA B 309 4.01 -7.01 -4.29
C ALA B 309 5.29 -6.36 -3.75
N GLY B 310 5.32 -5.03 -3.68
CA GLY B 310 6.47 -4.33 -3.13
C GLY B 310 7.58 -4.10 -4.15
N MET B 311 7.22 -4.21 -5.43
CA MET B 311 8.18 -3.97 -6.50
CA MET B 311 8.17 -3.98 -6.51
C MET B 311 7.88 -2.66 -7.20
N GLY B 312 8.90 -2.04 -7.79
CA GLY B 312 8.66 -0.81 -8.51
C GLY B 312 9.83 0.16 -8.44
N SER B 313 9.56 1.41 -8.84
CA SER B 313 10.63 2.39 -8.99
C SER B 313 11.28 2.73 -7.67
N PHE B 314 10.52 2.70 -6.58
CA PHE B 314 11.16 2.96 -5.29
C PHE B 314 12.17 1.87 -4.98
N ARG B 315 11.79 0.61 -5.25
CA ARG B 315 12.73 -0.48 -5.03
C ARG B 315 13.97 -0.35 -5.91
N ASP B 316 13.78 0.09 -7.15
N ASP B 316 13.78 0.10 -7.14
CA ASP B 316 14.92 0.31 -8.04
CA ASP B 316 14.90 0.32 -8.05
C ASP B 316 15.89 1.35 -7.47
C ASP B 316 15.87 1.35 -7.48
N VAL B 317 15.34 2.37 -6.82
CA VAL B 317 16.18 3.37 -6.16
C VAL B 317 17.05 2.78 -5.06
N VAL B 318 16.46 1.92 -4.24
CA VAL B 318 17.19 1.28 -3.15
C VAL B 318 18.30 0.45 -3.77
N ARG B 319 17.96 -0.33 -4.79
CA ARG B 319 18.96 -1.12 -5.47
C ARG B 319 20.07 -0.27 -6.04
N GLN B 320 19.70 0.84 -6.68
CA GLN B 320 20.73 1.66 -7.33
C GLN B 320 21.70 2.27 -6.32
N LEU B 321 21.21 2.59 -5.13
CA LEU B 321 22.08 3.14 -4.07
C LEU B 321 23.07 2.08 -3.57
N LEU B 322 22.62 0.84 -3.45
CA LEU B 322 23.52 -0.26 -3.12
C LEU B 322 24.53 -0.55 -4.23
N ILE B 323 24.09 -0.50 -5.48
CA ILE B 323 25.03 -0.71 -6.60
C ILE B 323 26.11 0.37 -6.59
N SER B 324 25.68 1.61 -6.37
CA SER B 324 26.61 2.74 -6.30
CA SER B 324 26.62 2.73 -6.30
C SER B 324 27.62 2.52 -5.19
N SER B 325 27.14 2.04 -4.04
CA SER B 325 28.00 1.79 -2.89
C SER B 325 29.00 0.70 -3.24
N ALA B 326 28.51 -0.37 -3.85
CA ALA B 326 29.39 -1.44 -4.33
C ALA B 326 30.41 -0.93 -5.34
N GLN B 327 29.98 -0.07 -6.27
CA GLN B 327 30.90 0.43 -7.30
C GLN B 327 32.03 1.23 -6.67
N THR B 328 31.67 2.05 -5.69
CA THR B 328 32.64 2.90 -5.02
C THR B 328 33.68 2.02 -4.38
N ALA B 329 33.22 0.98 -3.69
CA ALA B 329 34.10 0.03 -3.02
C ALA B 329 34.91 -0.80 -4.02
N PHE B 330 34.29 -1.16 -5.14
CA PHE B 330 34.98 -1.90 -6.19
C PHE B 330 36.15 -1.08 -6.72
N ASP B 331 35.93 0.23 -6.84
CA ASP B 331 36.94 1.10 -7.43
C ASP B 331 38.03 1.47 -6.44
N GLN B 332 37.86 1.04 -5.19
CA GLN B 332 38.89 1.17 -4.16
C GLN B 332 39.62 -0.18 -4.03
N GLY B 333 39.27 -1.13 -4.89
CA GLY B 333 39.94 -2.43 -4.92
C GLY B 333 39.31 -3.52 -4.07
N THR B 334 38.19 -3.20 -3.42
CA THR B 334 37.48 -4.16 -2.58
C THR B 334 36.77 -5.23 -3.42
N ASP B 335 36.78 -6.47 -2.94
CA ASP B 335 36.02 -7.53 -3.58
C ASP B 335 34.62 -7.48 -3.03
N ILE B 336 33.70 -6.99 -3.84
CA ILE B 336 32.34 -6.77 -3.36
C ILE B 336 31.55 -8.08 -3.30
N HIS B 337 32.14 -9.16 -3.84
CA HIS B 337 31.50 -10.46 -3.80
C HIS B 337 31.56 -11.11 -2.42
N LYS B 338 32.06 -10.38 -1.42
CA LYS B 338 31.98 -10.86 -0.04
C LYS B 338 30.50 -11.02 0.34
N TYR B 339 29.63 -10.22 -0.27
CA TYR B 339 28.19 -10.45 -0.18
C TYR B 339 27.64 -10.99 -1.49
N ALA B 340 26.55 -11.74 -1.39
CA ALA B 340 25.89 -12.32 -2.56
C ALA B 340 25.06 -11.27 -3.29
N GLY B 341 24.77 -11.54 -4.56
CA GLY B 341 23.79 -10.75 -5.29
C GLY B 341 24.29 -9.80 -6.36
N PHE B 342 25.55 -9.39 -6.28
CA PHE B 342 26.06 -8.39 -7.20
C PHE B 342 26.50 -8.99 -8.52
N VAL B 343 26.12 -8.32 -9.62
CA VAL B 343 26.59 -8.72 -10.94
C VAL B 343 27.66 -7.74 -11.35
N VAL B 344 28.86 -8.25 -11.59
CA VAL B 344 29.96 -7.41 -12.06
C VAL B 344 30.21 -7.78 -13.51
N THR B 345 30.22 -6.77 -14.36
CA THR B 345 30.56 -7.00 -15.77
C THR B 345 31.80 -6.17 -16.06
N GLY B 346 32.88 -6.81 -16.46
CA GLY B 346 34.13 -6.09 -16.69
C GLY B 346 34.52 -5.35 -15.42
N ASN B 347 34.47 -4.02 -15.48
CA ASN B 347 34.91 -3.18 -14.37
C ASN B 347 33.75 -2.48 -13.68
N GLN B 348 32.54 -2.90 -13.99
CA GLN B 348 31.35 -2.22 -13.50
C GLN B 348 30.41 -3.15 -12.76
N VAL B 349 29.87 -2.67 -11.63
CA VAL B 349 28.73 -3.32 -10.99
C VAL B 349 27.51 -2.94 -11.81
N THR B 350 26.99 -3.90 -12.56
CA THR B 350 25.94 -3.58 -13.53
CA THR B 350 25.95 -3.64 -13.55
C THR B 350 24.55 -3.91 -13.00
N ASP B 351 24.48 -4.73 -11.97
CA ASP B 351 23.17 -5.07 -11.44
C ASP B 351 23.30 -5.68 -10.07
N LEU B 352 22.16 -5.95 -9.45
CA LEU B 352 22.11 -6.50 -8.10
C LEU B 352 20.79 -7.24 -7.91
N ASP B 353 20.89 -8.51 -7.49
CA ASP B 353 19.77 -9.30 -7.00
C ASP B 353 19.56 -8.90 -5.55
N LEU B 354 18.58 -8.02 -5.30
N LEU B 354 18.60 -8.00 -5.30
CA LEU B 354 18.41 -7.46 -3.97
CA LEU B 354 18.38 -7.46 -3.97
C LEU B 354 18.04 -8.52 -2.94
C LEU B 354 18.07 -8.54 -2.95
N SER B 355 17.18 -9.46 -3.32
CA SER B 355 16.81 -10.56 -2.42
C SER B 355 18.02 -11.38 -1.96
N ALA B 356 18.90 -11.70 -2.90
CA ALA B 356 20.12 -12.45 -2.59
C ALA B 356 21.00 -11.67 -1.62
N TYR B 357 21.14 -10.39 -1.88
CA TYR B 357 21.96 -9.54 -1.03
C TYR B 357 21.40 -9.47 0.39
N LEU B 358 20.07 -9.34 0.50
CA LEU B 358 19.44 -9.23 1.81
C LEU B 358 19.55 -10.53 2.60
N LYS B 359 19.36 -11.66 1.92
CA LYS B 359 19.61 -12.97 2.54
C LYS B 359 21.05 -13.07 3.01
N SER B 360 21.96 -12.48 2.23
CA SER B 360 23.38 -12.50 2.54
C SER B 360 23.66 -11.70 3.81
N LEU B 361 23.06 -10.52 3.91
CA LEU B 361 23.22 -9.67 5.09
C LEU B 361 22.61 -10.32 6.33
N THR B 362 21.47 -10.98 6.11
CA THR B 362 20.60 -11.54 7.14
C THR B 362 19.73 -10.51 7.84
N ARG B 363 18.59 -11.00 8.32
CA ARG B 363 17.65 -10.22 9.09
C ARG B 363 18.21 -10.08 10.50
N MET B 364 18.00 -8.92 11.11
CA MET B 364 18.44 -8.70 12.48
CA MET B 364 18.44 -8.71 12.49
C MET B 364 17.29 -8.85 13.49
N LYS B 365 16.21 -8.14 13.24
CA LYS B 365 15.11 -8.06 14.20
C LYS B 365 13.95 -8.98 13.87
N ALA B 366 13.17 -9.30 14.90
CA ALA B 366 11.97 -10.12 14.68
C ALA B 366 10.79 -9.23 14.28
N VAL B 367 9.56 -9.69 14.50
CA VAL B 367 8.38 -9.04 13.92
C VAL B 367 7.28 -8.85 14.99
N PRO B 368 6.77 -7.61 15.14
CA PRO B 368 7.29 -6.41 14.48
C PRO B 368 8.68 -6.08 15.02
N ALA B 369 9.47 -5.37 14.24
CA ALA B 369 10.84 -5.04 14.63
C ALA B 369 10.94 -3.94 15.68
N PHE B 370 9.95 -3.05 15.72
CA PHE B 370 10.04 -1.88 16.60
C PHE B 370 8.89 -1.82 17.59
N ASP B 371 7.66 -1.89 17.07
CA ASP B 371 6.51 -1.89 17.98
C ASP B 371 6.15 -3.33 18.31
N GLN B 372 6.84 -3.90 19.29
N GLN B 372 6.84 -3.91 19.28
CA GLN B 372 6.59 -5.27 19.72
CA GLN B 372 6.60 -5.30 19.66
C GLN B 372 5.19 -5.42 20.29
C GLN B 372 5.23 -5.46 20.33
N LEU B 373 4.54 -6.55 20.02
CA LEU B 373 3.16 -6.74 20.46
C LEU B 373 3.05 -6.82 21.98
N ASP B 374 4.15 -7.18 22.63
CA ASP B 374 4.16 -7.30 24.08
C ASP B 374 4.90 -6.17 24.77
N LEU B 375 5.11 -5.08 24.03
CA LEU B 375 5.68 -3.85 24.59
C LEU B 375 7.13 -3.96 25.07
N THR B 376 7.87 -4.92 24.51
CA THR B 376 9.21 -5.18 25.04
C THR B 376 10.39 -4.46 24.36
N SER B 377 10.14 -3.62 23.35
CA SER B 377 11.27 -3.03 22.61
C SER B 377 11.76 -1.72 23.22
N PRO B 378 12.97 -1.26 22.80
CA PRO B 378 13.44 0.06 23.25
C PRO B 378 12.47 1.15 22.87
N GLU B 379 11.91 1.08 21.66
CA GLU B 379 10.97 2.10 21.20
C GLU B 379 9.65 2.04 21.98
N ASN B 380 9.22 0.86 22.39
CA ASN B 380 8.02 0.78 23.24
C ASN B 380 8.26 1.56 24.55
N ASN B 381 9.46 1.41 25.10
CA ASN B 381 9.81 2.08 26.36
C ASN B 381 9.97 3.60 26.15
N LEU B 382 10.54 3.99 25.00
CA LEU B 382 10.68 5.39 24.63
C LEU B 382 9.32 6.08 24.64
N PHE B 383 8.29 5.38 24.16
CA PHE B 383 6.96 5.99 24.08
C PHE B 383 6.11 5.84 25.34
N GLY B 384 6.64 5.20 26.37
CA GLY B 384 5.96 5.22 27.66
C GLY B 384 6.01 6.62 28.29
N ASP B 385 5.43 6.74 29.49
CA ASP B 385 5.54 7.99 30.24
C ASP B 385 5.68 7.70 31.73
N ALA B 386 5.51 8.71 32.56
CA ALA B 386 5.67 8.51 34.01
C ALA B 386 4.69 7.46 34.56
N THR B 387 3.60 7.24 33.84
N THR B 387 3.59 7.25 33.84
CA THR B 387 2.57 6.29 34.28
CA THR B 387 2.56 6.29 34.27
C THR B 387 2.67 4.91 33.63
C THR B 387 2.68 4.91 33.63
N ALA B 388 3.09 4.87 32.37
CA ALA B 388 3.19 3.59 31.64
C ALA B 388 4.62 3.36 31.21
N LYS B 389 5.23 2.25 31.60
CA LYS B 389 6.62 2.06 31.24
C LYS B 389 6.77 1.97 29.72
N ALA B 390 5.75 1.46 29.05
CA ALA B 390 5.84 1.26 27.60
C ALA B 390 4.48 1.41 26.93
N LYS B 391 4.48 1.85 25.67
CA LYS B 391 3.26 2.01 24.89
C LYS B 391 3.46 1.53 23.47
N HIS B 392 2.35 1.31 22.77
CA HIS B 392 2.40 1.13 21.33
C HIS B 392 2.45 2.48 20.62
N PHE B 393 2.83 2.46 19.35
CA PHE B 393 2.89 3.69 18.57
C PHE B 393 2.49 3.45 17.12
N THR B 394 1.84 2.32 16.89
CA THR B 394 1.29 2.02 15.57
C THR B 394 -0.10 1.45 15.75
N ALA B 395 -0.98 1.69 14.78
CA ALA B 395 -2.32 1.12 14.84
C ALA B 395 -2.26 -0.41 14.84
N LEU B 396 -1.34 -0.95 14.06
CA LEU B 396 -1.29 -2.39 13.92
C LEU B 396 -0.96 -3.08 15.24
N ALA B 397 0.07 -2.62 15.92
CA ALA B 397 0.48 -3.31 17.15
C ALA B 397 -0.49 -3.05 18.30
N GLN B 398 -1.17 -1.92 18.27
CA GLN B 398 -2.21 -1.71 19.26
C GLN B 398 -3.35 -2.68 19.04
N THR B 399 -3.83 -2.80 17.80
CA THR B 399 -4.89 -3.73 17.47
C THR B 399 -4.53 -5.18 17.76
N ARG B 400 -3.29 -5.54 17.50
CA ARG B 400 -2.85 -6.93 17.67
C ARG B 400 -2.07 -7.13 18.95
N SER B 401 -2.16 -6.18 19.87
CA SER B 401 -1.37 -6.26 21.11
C SER B 401 -1.61 -7.58 21.84
N THR B 402 -0.54 -8.18 22.34
CA THR B 402 -0.66 -9.38 23.15
C THR B 402 -0.70 -9.05 24.65
N VAL B 403 -0.40 -7.81 25.01
CA VAL B 403 -0.63 -7.34 26.38
C VAL B 403 -1.58 -6.15 26.43
N THR B 404 -2.25 -5.96 27.56
CA THR B 404 -3.07 -4.76 27.72
C THR B 404 -2.14 -3.56 27.55
N ALA B 405 -2.58 -2.58 26.77
CA ALA B 405 -1.68 -1.50 26.38
C ALA B 405 -2.40 -0.26 25.89
N GLN B 406 -1.68 0.85 25.89
CA GLN B 406 -2.15 2.10 25.35
C GLN B 406 -1.26 2.52 24.17
N LEU B 407 -1.86 3.27 23.25
CA LEU B 407 -1.13 3.97 22.21
C LEU B 407 -0.64 5.32 22.71
N ALA B 408 0.60 5.64 22.40
CA ALA B 408 1.10 6.98 22.60
C ALA B 408 0.29 8.00 21.79
N ASP B 409 0.23 9.19 22.33
CA ASP B 409 -0.43 10.32 21.71
C ASP B 409 0.02 10.53 20.26
N ALA B 410 -0.92 10.69 19.32
CA ALA B 410 -0.56 10.88 17.90
C ALA B 410 0.36 12.08 17.70
N GLU B 411 0.13 13.14 18.47
CA GLU B 411 0.91 14.34 18.27
C GLU B 411 2.36 14.15 18.72
N LEU B 412 2.56 13.35 19.77
CA LEU B 412 3.92 13.06 20.24
C LEU B 412 4.69 12.21 19.23
N ILE B 413 4.03 11.20 18.68
CA ILE B 413 4.65 10.34 17.67
C ILE B 413 5.07 11.22 16.50
N GLN B 414 4.15 12.09 16.09
CA GLN B 414 4.39 13.00 14.98
C GLN B 414 5.55 13.95 15.31
N ALA B 415 5.55 14.44 16.56
CA ALA B 415 6.51 15.47 16.95
C ALA B 415 7.95 14.99 16.94
N ILE B 416 8.18 13.70 17.20
CA ILE B 416 9.57 13.23 17.27
C ILE B 416 10.06 12.57 15.97
N ASN B 417 9.23 12.65 14.93
CA ASN B 417 9.59 12.14 13.62
C ASN B 417 10.07 13.28 12.73
N PRO B 418 11.35 13.26 12.32
CA PRO B 418 11.83 14.39 11.51
C PRO B 418 10.99 14.61 10.25
N LEU B 419 10.44 13.54 9.69
CA LEU B 419 9.65 13.68 8.45
C LEU B 419 8.45 14.61 8.58
N SER B 420 7.89 14.67 9.78
CA SER B 420 6.69 15.47 10.03
CA SER B 420 6.69 15.46 10.01
C SER B 420 6.87 16.92 9.65
N TYR B 421 8.10 17.43 9.80
CA TYR B 421 8.35 18.85 9.58
C TYR B 421 8.65 19.18 8.13
N LEU B 422 8.91 18.16 7.32
CA LEU B 422 9.34 18.42 5.96
C LEU B 422 8.17 18.73 5.04
N THR B 423 6.98 18.26 5.40
CA THR B 423 5.82 18.45 4.54
C THR B 423 4.94 19.61 4.99
N THR B 424 5.38 20.29 6.06
CA THR B 424 4.64 21.42 6.61
C THR B 424 5.55 22.62 6.74
N THR B 425 4.98 23.73 7.20
CA THR B 425 5.77 24.93 7.44
C THR B 425 5.61 25.32 8.90
N SER B 426 6.03 24.43 9.80
CA SER B 426 5.80 24.62 11.22
C SER B 426 7.10 24.74 12.02
N SER B 427 8.22 24.87 11.31
CA SER B 427 9.53 24.90 11.95
C SER B 427 10.54 25.50 11.00
N GLN B 428 11.72 25.80 11.53
CA GLN B 428 12.84 26.24 10.74
C GLN B 428 13.77 25.05 10.49
N VAL B 429 13.81 24.56 9.25
CA VAL B 429 14.53 23.36 8.90
C VAL B 429 15.93 23.75 8.48
N ALA B 430 16.94 23.13 9.09
CA ALA B 430 18.31 23.31 8.67
C ALA B 430 18.45 23.11 7.14
N LYS B 431 19.31 23.90 6.52
CA LYS B 431 19.41 23.86 5.05
C LYS B 431 20.35 22.77 4.55
N HIS B 432 21.15 22.22 5.44
CA HIS B 432 22.25 21.34 5.02
C HIS B 432 22.24 20.03 5.81
N TRP B 433 22.21 18.92 5.08
CA TRP B 433 22.11 17.59 5.66
C TRP B 433 23.15 16.63 5.08
N ARG B 434 23.76 15.84 5.95
CA ARG B 434 24.64 14.77 5.52
C ARG B 434 24.21 13.52 6.28
N ILE B 435 23.72 12.54 5.53
CA ILE B 435 23.15 11.34 6.11
CA ILE B 435 23.17 11.34 6.13
C ILE B 435 23.89 10.12 5.59
N ARG B 436 24.23 9.20 6.48
CA ARG B 436 24.88 7.96 6.10
C ARG B 436 24.17 6.83 6.81
N HIS B 437 23.99 5.72 6.09
CA HIS B 437 23.51 4.50 6.71
C HIS B 437 24.27 3.36 6.07
N GLY B 438 25.02 2.60 6.85
CA GLY B 438 25.91 1.59 6.29
C GLY B 438 25.17 0.57 5.44
N ALA B 439 25.81 0.12 4.36
CA ALA B 439 25.21 -0.89 3.50
C ALA B 439 25.07 -2.25 4.19
N ALA B 440 25.76 -2.44 5.32
CA ALA B 440 25.62 -3.68 6.09
C ALA B 440 24.86 -3.48 7.37
N ASP B 441 24.19 -2.33 7.50
CA ASP B 441 23.45 -2.01 8.71
C ASP B 441 22.00 -2.49 8.54
N ARG B 442 21.61 -3.48 9.34
CA ARG B 442 20.26 -4.06 9.28
C ARG B 442 19.38 -3.64 10.47
N ASP B 443 19.78 -2.57 11.19
CA ASP B 443 19.02 -2.17 12.38
C ASP B 443 17.69 -1.52 12.02
N THR B 444 17.61 -0.95 10.83
CA THR B 444 16.34 -0.50 10.29
C THR B 444 16.46 -0.69 8.77
N SER B 445 15.35 -0.76 8.07
CA SER B 445 15.38 -0.92 6.61
C SER B 445 16.10 0.22 5.92
N PHE B 446 16.80 -0.07 4.82
CA PHE B 446 17.40 0.97 4.01
C PHE B 446 16.38 2.00 3.56
N ALA B 447 15.13 1.57 3.45
CA ALA B 447 14.06 2.48 3.04
C ALA B 447 13.92 3.68 3.96
N ILE B 448 14.24 3.49 5.24
CA ILE B 448 14.02 4.52 6.23
C ILE B 448 14.91 5.75 5.98
N PRO B 449 16.24 5.56 5.94
CA PRO B 449 17.08 6.72 5.63
C PRO B 449 16.86 7.23 4.19
N ILE B 450 16.54 6.33 3.28
CA ILE B 450 16.29 6.77 1.90
C ILE B 450 15.07 7.69 1.79
N ILE B 451 13.99 7.33 2.48
CA ILE B 451 12.82 8.19 2.50
C ILE B 451 13.17 9.60 3.03
N LEU B 452 13.92 9.66 4.12
CA LEU B 452 14.36 10.95 4.66
C LEU B 452 15.17 11.75 3.63
N ALA B 453 16.17 11.11 3.03
CA ALA B 453 17.01 11.78 2.05
C ALA B 453 16.20 12.30 0.85
N ILE B 454 15.27 11.50 0.35
CA ILE B 454 14.47 11.93 -0.79
C ILE B 454 13.48 13.02 -0.39
N MET B 455 12.86 12.88 0.78
CA MET B 455 11.94 13.93 1.21
C MET B 455 12.68 15.25 1.40
N LEU B 456 13.90 15.20 1.92
CA LEU B 456 14.71 16.41 2.04
C LEU B 456 14.95 17.05 0.67
N GLU B 457 15.45 16.26 -0.29
CA GLU B 457 15.60 16.74 -1.66
C GLU B 457 14.30 17.30 -2.24
N ASN B 458 13.18 16.58 -2.09
CA ASN B 458 11.93 17.01 -2.70
C ASN B 458 11.45 18.35 -2.16
N HIS B 459 11.84 18.68 -0.92
CA HIS B 459 11.40 19.93 -0.31
C HIS B 459 12.47 21.01 -0.31
N GLY B 460 13.55 20.76 -1.06
CA GLY B 460 14.51 21.81 -1.38
C GLY B 460 15.61 21.99 -0.37
N TYR B 461 15.88 20.95 0.42
CA TYR B 461 16.96 21.02 1.39
C TYR B 461 18.21 20.35 0.85
N GLY B 462 19.37 20.88 1.21
CA GLY B 462 20.62 20.33 0.73
C GLY B 462 20.86 18.99 1.39
N ILE B 463 21.05 17.94 0.58
CA ILE B 463 21.24 16.61 1.14
C ILE B 463 22.38 15.84 0.47
N ASP B 464 23.31 15.38 1.28
CA ASP B 464 24.44 14.56 0.83
C ASP B 464 24.19 13.20 1.49
N PHE B 465 23.88 12.21 0.67
CA PHE B 465 23.45 10.91 1.18
C PHE B 465 24.24 9.75 0.55
N ALA B 466 24.49 8.71 1.32
CA ALA B 466 25.06 7.47 0.76
C ALA B 466 24.86 6.30 1.71
N LEU B 467 24.98 5.09 1.18
CA LEU B 467 25.00 3.88 1.99
C LEU B 467 26.41 3.29 1.88
N PRO B 468 27.33 3.72 2.76
CA PRO B 468 28.72 3.30 2.62
C PRO B 468 28.90 1.79 2.66
N TRP B 469 29.70 1.27 1.73
CA TRP B 469 29.90 -0.17 1.57
C TRP B 469 30.37 -0.87 2.84
N ASP B 470 29.75 -2.00 3.17
CA ASP B 470 30.21 -2.88 4.25
C ASP B 470 30.33 -2.19 5.61
N ILE B 471 29.60 -1.09 5.80
CA ILE B 471 29.62 -0.42 7.09
C ILE B 471 28.47 -0.97 7.93
N PRO B 472 28.75 -1.34 9.18
CA PRO B 472 27.66 -1.88 10.00
C PRO B 472 26.94 -0.76 10.75
N HIS B 473 26.15 -1.12 11.74
CA HIS B 473 25.47 -0.12 12.56
C HIS B 473 26.52 0.61 13.39
N SER B 474 26.92 1.79 12.94
CA SER B 474 28.01 2.54 13.55
C SER B 474 27.97 3.96 13.01
N GLY B 475 28.90 4.80 13.48
CA GLY B 475 29.00 6.16 13.00
C GLY B 475 30.42 6.71 13.17
N ASP B 476 30.62 7.94 12.71
CA ASP B 476 31.91 8.62 12.82
C ASP B 476 33.09 7.89 12.17
N TYR B 477 32.83 7.08 11.14
CA TYR B 477 33.89 6.27 10.54
C TYR B 477 34.50 6.95 9.31
N ASP B 478 34.03 8.14 8.98
CA ASP B 478 34.45 8.80 7.76
C ASP B 478 34.72 10.27 8.05
N LEU B 479 35.43 10.55 9.15
CA LEU B 479 35.59 11.91 9.60
C LEU B 479 36.25 12.83 8.58
N GLY B 480 37.19 12.30 7.79
CA GLY B 480 37.82 13.08 6.75
C GLY B 480 36.79 13.64 5.78
N ASP B 481 35.84 12.80 5.38
CA ASP B 481 34.77 13.23 4.50
C ASP B 481 33.75 14.12 5.21
N LEU B 482 33.42 13.79 6.45
CA LEU B 482 32.46 14.60 7.21
C LEU B 482 33.01 16.01 7.40
N PHE B 483 34.28 16.10 7.80
CA PHE B 483 34.89 17.40 8.04
C PHE B 483 35.08 18.19 6.76
N SER B 484 35.33 17.51 5.63
CA SER B 484 35.41 18.22 4.37
CA SER B 484 35.40 18.19 4.35
C SER B 484 34.06 18.84 4.02
N TRP B 485 32.99 18.09 4.27
CA TRP B 485 31.64 18.59 4.02
C TRP B 485 31.36 19.81 4.89
N ILE B 486 31.64 19.71 6.19
CA ILE B 486 31.47 20.85 7.10
C ILE B 486 32.27 22.06 6.61
N ASP B 487 33.55 21.87 6.30
CA ASP B 487 34.38 22.98 5.85
C ASP B 487 33.82 23.64 4.58
N GLY B 488 33.29 22.82 3.67
CA GLY B 488 32.73 23.36 2.45
C GLY B 488 31.53 24.26 2.70
N LEU B 489 30.80 23.99 3.79
CA LEU B 489 29.63 24.80 4.14
C LEU B 489 29.99 26.09 4.87
N CYS B 490 31.11 26.06 5.57
CA CYS B 490 31.44 27.12 6.53
C CYS B 490 32.54 28.04 6.07
N GLN B 491 33.33 27.58 5.11
CA GLN B 491 34.47 28.34 4.64
C GLN B 491 34.05 29.06 3.38
#